data_6TVO
#
_entry.id   6TVO
#
_cell.length_a   122.290
_cell.length_b   151.330
_cell.length_c   234.843
_cell.angle_alpha   90.000
_cell.angle_beta   90.000
_cell.angle_gamma   90.000
#
_symmetry.space_group_name_H-M   'I 2 2 2'
#
loop_
_entity.id
_entity.type
_entity.pdbx_description
1 polymer 'GTP-binding nuclear protein Ran'
2 polymer Exportin-1
3 non-polymer "GUANOSINE-5'-TRIPHOSPHATE"
4 non-polymer 'MAGNESIUM ION'
5 non-polymer 'Leptomycin B, bound form'
#
loop_
_entity_poly.entity_id
_entity_poly.type
_entity_poly.pdbx_seq_one_letter_code
_entity_poly.pdbx_strand_id
1 'polypeptide(L)'
;MGMAAQGEPQVQFKLVLVGDGGTGKTTFVKRHLTGEFEKKYVATLGVEVHPLVFHTNRGPIKFNVWDTAGLEKFGGLRDG
YYIQAQCAIIMFDVTSRVTYKNVPNWHRDLVRVCENIPIVLCGNKVDIKDRKVKAKSIVFHRKKNLQYYDISAKSNYNFE
KPFLWLARKLIGDPNLEFVAMP
;
B
2 'polypeptide(L)'
;MASMTGGQQMGRGSMPAIMTMLADHAARQLLDFSQKLDINLLDNVVNCLYHGEGAQQRMAQEVLTHLKEHPDAWTRVDTI
LEFSQNMNTKYYGLQILENVIKTRWKILPRNQCEGIKKYVVGLIIKTSSDPTCVEKEKVYIGKLNMILVQILKQEWPKHW
PTFISDIVGASRTSESLCQNNMVILKLLSEEVFDFSSGQITQVKSKHLKDSMCNEFSQIFQLCQFVMENSQNAPLVHATL
ETLLRFLNWIPLGYIFETKLISTLIYKFLNVPMFRNVSLKCLTEIAGVSVSQYEEQFVTLFTLTMMQLKQMLPLNTNIRL
AYSNGKDDEQNFIQNLSLFLCTFLKEHDQLIEKRLNLRETLMEALHYMLLVSEVEETEIFKICLEYWNHLAAELYRESPF
STSASPLLSGSQHFDVPPRRQLYLPMLFKVRLLMVSRMAKPEEAAAVENDQGEVVREFMKDTDSINLYKNMRETLVYLTH
LDYVDTERIMTEKLHNQVNGTEWSWKNLNTLCWAIGSISGAMHEEDEKRFLVTVIKDLLGLCEQKRGKDNKAIIASNIMY
IVGQYPRFLRAHWKFLKTVVNKLFEFMHETHDGVQDMACDTFIKIAQKCRRHFVQVQVGEVMPFIDEILNNINTIICDLQ
PQQVHTFYEAVGYMIGAQTDQTVQEHLIEKYMLLPNQVWDSIIQQATKNVDILKDPETVKQLGSILKTNVRACKAVGHPF
VIQLGRIYLDMLNVYKCLSENISAAIQANGEMVTKQPLIRSMRTVKRETLKLISGWVSRSNDPQMVAENFVPPLLDAVLI
DYQRNVPAAREPEVLSTMAIIVNKLGGHITAEIPQIFDAVFECTLNMINKDFEEYPEHRTNFFLLLQAVNSHCFPAFLAI
PPTQFKLVLDSIIWAFKHTMRNVADTGLQILFTLLQNVAQEEAAAQSFYQTYFCDILQHIFSVVTDTSHTAGLTMHASIL
AYMFNLVEEGKISTSLNPGNPVNNQIFLQEYVANLLKSAFPHLQDAQVKLFVTGLFSLNQDIPAFKEHLRDFLVQIKEFA
GEDTSDLFLERSRSHHHHHH
;
A
#
loop_
_chem_comp.id
_chem_comp.type
_chem_comp.name
_chem_comp.formula
GTP non-polymer GUANOSINE-5'-TRIPHOSPHATE 'C10 H16 N5 O14 P3'
LMB non-polymer 'Leptomycin B, bound form' 'C33 H52 O7'
MG non-polymer 'MAGNESIUM ION' 'Mg 2'
#
# COMPACT_ATOMS: atom_id res chain seq x y z
N GLU A 8 1.73 -31.66 19.91
CA GLU A 8 3.14 -31.60 20.25
C GLU A 8 3.47 -30.30 21.10
N PRO A 9 4.72 -29.81 21.10
CA PRO A 9 5.02 -28.61 21.89
C PRO A 9 4.28 -27.36 21.46
N GLN A 10 3.80 -26.62 22.46
CA GLN A 10 3.21 -25.32 22.19
C GLN A 10 4.39 -24.35 22.12
N VAL A 11 4.73 -23.99 20.90
CA VAL A 11 5.97 -23.30 20.58
C VAL A 11 5.60 -21.88 20.21
N GLN A 12 5.68 -20.97 21.16
CA GLN A 12 5.23 -19.60 20.93
C GLN A 12 6.40 -18.68 20.63
N PHE A 13 6.11 -17.61 19.89
CA PHE A 13 7.10 -16.60 19.51
C PHE A 13 6.47 -15.22 19.65
N LYS A 14 7.32 -14.24 19.95
CA LYS A 14 6.89 -12.84 20.02
C LYS A 14 6.98 -12.22 18.64
N LEU A 15 5.84 -11.76 18.12
CA LEU A 15 5.80 -10.98 16.90
C LEU A 15 5.55 -9.53 17.28
N VAL A 16 6.23 -8.62 16.58
CA VAL A 16 6.03 -7.18 16.76
C VAL A 16 5.47 -6.63 15.46
N LEU A 17 4.31 -5.98 15.54
CA LEU A 17 3.57 -5.50 14.38
C LEU A 17 3.54 -3.98 14.40
N VAL A 18 4.12 -3.35 13.37
CA VAL A 18 4.33 -1.91 13.33
C VAL A 18 3.90 -1.36 11.98
N GLY A 19 3.86 -0.04 11.88
CA GLY A 19 3.48 0.64 10.66
C GLY A 19 2.80 1.95 10.97
N ASP A 20 2.56 2.74 9.93
CA ASP A 20 1.95 4.05 10.10
C ASP A 20 0.54 3.97 10.65
N GLY A 21 -0.08 5.13 10.92
CA GLY A 21 -1.37 5.14 11.58
C GLY A 21 -2.48 4.67 10.68
N GLY A 22 -3.41 3.91 11.25
CA GLY A 22 -4.59 3.48 10.53
C GLY A 22 -4.26 2.64 9.31
N THR A 23 -3.11 1.97 9.34
CA THR A 23 -2.66 1.10 8.27
C THR A 23 -3.43 -0.21 8.25
N GLY A 24 -4.17 -0.52 9.31
CA GLY A 24 -4.93 -1.75 9.40
C GLY A 24 -4.32 -2.82 10.27
N LYS A 25 -3.18 -2.54 10.93
CA LYS A 25 -2.58 -3.53 11.82
C LYS A 25 -3.62 -4.14 12.75
N THR A 26 -4.40 -3.29 13.42
CA THR A 26 -5.37 -3.81 14.38
C THR A 26 -6.53 -4.52 13.69
N THR A 27 -7.01 -3.97 12.56
CA THR A 27 -8.04 -4.65 11.78
C THR A 27 -7.57 -6.03 11.35
N PHE A 28 -6.32 -6.13 10.91
CA PHE A 28 -5.72 -7.40 10.53
C PHE A 28 -5.76 -8.39 11.69
N VAL A 29 -5.27 -7.99 12.86
CA VAL A 29 -5.25 -8.89 14.00
C VAL A 29 -6.66 -9.26 14.44
N LYS A 30 -7.60 -8.32 14.33
CA LYS A 30 -9.00 -8.62 14.67
C LYS A 30 -9.53 -9.74 13.80
N ARG A 31 -9.35 -9.63 12.48
CA ARG A 31 -9.88 -10.65 11.59
C ARG A 31 -9.20 -11.99 11.80
N HIS A 32 -7.90 -11.99 12.11
CA HIS A 32 -7.24 -13.26 12.39
C HIS A 32 -7.70 -13.85 13.71
N LEU A 33 -8.12 -13.01 14.65
CA LEU A 33 -8.48 -13.51 15.97
C LEU A 33 -9.93 -14.00 16.02
N THR A 34 -10.84 -13.31 15.32
CA THR A 34 -12.26 -13.62 15.42
C THR A 34 -12.99 -13.59 14.09
N GLY A 35 -12.29 -13.46 12.97
CA GLY A 35 -12.95 -13.35 11.68
C GLY A 35 -13.70 -12.07 11.45
N GLU A 36 -13.77 -11.19 12.44
CA GLU A 36 -14.46 -9.92 12.31
C GLU A 36 -13.63 -8.93 11.49
N PHE A 37 -14.29 -8.19 10.64
CA PHE A 37 -13.67 -7.08 9.93
C PHE A 37 -14.18 -5.79 10.52
N GLU A 38 -13.33 -5.06 11.23
CA GLU A 38 -13.69 -3.77 11.80
C GLU A 38 -13.70 -2.70 10.71
N LYS A 39 -14.80 -1.97 10.61
CA LYS A 39 -14.94 -0.95 9.59
C LYS A 39 -14.39 0.40 10.01
N LYS A 40 -14.21 0.62 11.32
CA LYS A 40 -13.90 1.94 11.84
C LYS A 40 -12.46 2.01 12.32
N TYR A 41 -11.90 3.22 12.27
CA TYR A 41 -10.55 3.47 12.77
C TYR A 41 -10.63 3.91 14.23
N VAL A 42 -10.12 3.08 15.12
CA VAL A 42 -10.04 3.39 16.55
C VAL A 42 -8.56 3.20 16.93
N ALA A 43 -7.83 4.29 17.04
CA ALA A 43 -6.38 4.25 17.17
C ALA A 43 -5.96 3.50 18.44
N THR A 44 -5.05 2.55 18.22
CA THR A 44 -4.46 1.69 19.26
C THR A 44 -3.57 2.59 20.15
N LEU A 45 -3.73 2.58 21.48
CA LEU A 45 -2.89 3.41 22.33
C LEU A 45 -1.75 2.55 22.87
N GLY A 46 -0.53 3.03 22.69
CA GLY A 46 0.59 2.21 23.15
C GLY A 46 0.55 0.94 22.32
N VAL A 47 0.45 -0.22 22.98
CA VAL A 47 0.37 -1.47 22.25
C VAL A 47 -0.57 -2.44 22.95
N GLU A 48 -1.24 -3.28 22.15
CA GLU A 48 -2.08 -4.35 22.64
C GLU A 48 -1.44 -5.65 22.19
N VAL A 49 -1.30 -6.62 23.09
CA VAL A 49 -0.66 -7.88 22.75
C VAL A 49 -1.74 -8.96 22.73
N HIS A 50 -2.09 -9.42 21.53
CA HIS A 50 -3.08 -10.48 21.37
C HIS A 50 -2.38 -11.74 20.90
N PRO A 51 -2.68 -12.90 21.49
CA PRO A 51 -2.12 -14.15 20.95
C PRO A 51 -2.99 -14.71 19.84
N LEU A 52 -2.32 -15.15 18.78
CA LEU A 52 -2.91 -15.90 17.69
C LEU A 52 -2.32 -17.30 17.70
N VAL A 53 -3.16 -18.30 17.47
CA VAL A 53 -2.70 -19.68 17.37
C VAL A 53 -3.13 -20.23 16.02
N PHE A 54 -2.15 -20.67 15.24
CA PHE A 54 -2.42 -21.49 14.08
C PHE A 54 -2.02 -22.92 14.38
N HIS A 55 -2.53 -23.84 13.56
CA HIS A 55 -2.27 -25.27 13.68
C HIS A 55 -1.61 -25.73 12.40
N THR A 56 -0.40 -26.26 12.49
CA THR A 56 0.25 -26.71 11.28
C THR A 56 0.25 -28.23 11.23
N ASN A 57 0.59 -28.75 10.04
CA ASN A 57 0.72 -30.18 9.83
C ASN A 57 1.73 -30.82 10.79
N ARG A 58 2.54 -30.01 11.45
CA ARG A 58 3.55 -30.46 12.40
C ARG A 58 3.30 -29.92 13.80
N GLY A 59 2.04 -29.71 14.16
CA GLY A 59 1.71 -29.24 15.49
C GLY A 59 1.35 -27.78 15.48
N PRO A 60 0.77 -27.29 16.56
CA PRO A 60 0.33 -25.89 16.59
C PRO A 60 1.45 -24.93 16.95
N ILE A 61 1.29 -23.70 16.46
CA ILE A 61 2.26 -22.62 16.59
C ILE A 61 1.53 -21.40 17.16
N LYS A 62 2.17 -20.67 18.06
CA LYS A 62 1.53 -19.55 18.74
C LYS A 62 2.33 -18.27 18.54
N PHE A 63 1.65 -17.24 18.05
CA PHE A 63 2.21 -15.91 17.83
C PHE A 63 1.61 -14.95 18.85
N ASN A 64 2.41 -14.50 19.82
CA ASN A 64 1.98 -13.38 20.65
C ASN A 64 2.27 -12.11 19.87
N VAL A 65 1.23 -11.53 19.29
CA VAL A 65 1.34 -10.37 18.42
C VAL A 65 1.29 -9.10 19.25
N TRP A 66 2.33 -8.28 19.15
CA TRP A 66 2.40 -6.98 19.80
C TRP A 66 2.01 -5.94 18.77
N ASP A 67 0.70 -5.67 18.69
CA ASP A 67 0.16 -4.67 17.79
C ASP A 67 0.47 -3.29 18.35
N THR A 68 1.35 -2.54 17.69
CA THR A 68 1.79 -1.25 18.22
C THR A 68 1.05 -0.09 17.56
N ALA A 69 1.23 1.09 18.14
CA ALA A 69 0.54 2.29 17.69
C ALA A 69 1.42 3.07 16.72
N GLY A 70 0.91 3.26 15.51
CA GLY A 70 1.61 4.04 14.50
C GLY A 70 1.50 5.53 14.67
N LEU A 71 0.49 6.02 15.38
CA LEU A 71 0.36 7.45 15.59
C LEU A 71 1.45 7.94 16.54
N GLU A 72 2.13 9.01 16.13
CA GLU A 72 3.18 9.59 16.95
C GLU A 72 2.66 10.02 18.31
N LYS A 73 1.45 10.57 18.35
CA LYS A 73 0.84 10.98 19.62
C LYS A 73 0.87 9.83 20.62
N PHE A 74 0.39 8.65 20.21
CA PHE A 74 0.19 7.55 21.13
C PHE A 74 1.25 6.47 20.99
N GLY A 75 2.47 6.85 20.63
CA GLY A 75 3.51 5.85 20.45
C GLY A 75 3.83 5.11 21.75
N GLY A 76 3.82 5.82 22.87
CA GLY A 76 4.14 5.18 24.14
C GLY A 76 5.63 4.93 24.20
N LEU A 77 6.01 3.76 24.69
CA LEU A 77 7.42 3.38 24.72
C LEU A 77 7.65 2.73 23.36
N ARG A 78 7.70 3.57 22.33
CA ARG A 78 7.81 3.06 20.97
C ARG A 78 9.00 2.14 20.83
N ASP A 79 10.16 2.66 21.15
CA ASP A 79 11.39 1.93 21.00
C ASP A 79 11.35 0.63 21.79
N GLY A 80 10.81 0.66 23.01
CA GLY A 80 10.98 -0.44 23.95
C GLY A 80 10.26 -1.73 23.58
N TYR A 81 9.02 -1.63 23.06
CA TYR A 81 8.24 -2.86 22.83
C TYR A 81 8.98 -3.88 21.96
N TYR A 82 9.98 -3.46 21.20
CA TYR A 82 10.68 -4.33 20.27
C TYR A 82 11.61 -5.30 20.98
N ILE A 83 11.82 -5.14 22.29
CA ILE A 83 12.80 -5.94 23.01
C ILE A 83 12.29 -7.36 23.18
N GLN A 84 13.18 -8.33 23.00
CA GLN A 84 12.90 -9.76 23.18
C GLN A 84 11.91 -10.29 22.15
N ALA A 85 11.95 -9.74 20.94
CA ALA A 85 11.02 -10.09 19.89
C ALA A 85 11.66 -11.11 18.94
N GLN A 86 10.88 -12.12 18.56
CA GLN A 86 11.39 -13.14 17.65
C GLN A 86 11.19 -12.78 16.18
N CYS A 87 10.12 -12.06 15.84
CA CYS A 87 9.84 -11.73 14.45
C CYS A 87 9.04 -10.44 14.39
N ALA A 88 8.80 -9.95 13.17
CA ALA A 88 8.13 -8.67 13.03
C ALA A 88 7.42 -8.53 11.69
N ILE A 89 6.39 -7.68 11.67
CA ILE A 89 5.67 -7.30 10.46
C ILE A 89 5.65 -5.78 10.37
N ILE A 90 5.97 -5.26 9.20
CA ILE A 90 5.87 -3.83 8.91
C ILE A 90 4.78 -3.65 7.86
N MET A 91 3.79 -2.81 8.15
CA MET A 91 2.65 -2.66 7.27
C MET A 91 2.53 -1.23 6.76
N PHE A 92 2.10 -1.09 5.51
CA PHE A 92 1.77 0.21 4.94
C PHE A 92 0.47 0.09 4.15
N ASP A 93 0.04 1.21 3.56
CA ASP A 93 -1.25 1.32 2.90
C ASP A 93 -1.01 1.66 1.43
N VAL A 94 -1.41 0.78 0.53
CA VAL A 94 -1.17 0.98 -0.89
C VAL A 94 -2.02 2.13 -1.42
N THR A 95 -2.88 2.70 -0.57
CA THR A 95 -3.71 3.82 -0.96
C THR A 95 -3.18 5.15 -0.45
N SER A 96 -2.11 5.15 0.33
CA SER A 96 -1.52 6.38 0.86
C SER A 96 -0.01 6.30 0.68
N ARG A 97 0.52 7.02 -0.32
CA ARG A 97 1.96 7.01 -0.58
C ARG A 97 2.75 7.32 0.68
N VAL A 98 2.20 8.18 1.54
CA VAL A 98 2.88 8.55 2.78
C VAL A 98 3.22 7.31 3.60
N THR A 99 2.26 6.39 3.72
CA THR A 99 2.46 5.21 4.56
C THR A 99 3.61 4.35 4.05
N TYR A 100 3.90 4.39 2.75
CA TYR A 100 5.04 3.65 2.24
C TYR A 100 6.34 4.40 2.43
N LYS A 101 6.33 5.72 2.22
CA LYS A 101 7.55 6.51 2.41
C LYS A 101 8.09 6.41 3.83
N ASN A 102 7.27 5.98 4.79
CA ASN A 102 7.69 5.81 6.17
C ASN A 102 8.13 4.38 6.49
N VAL A 103 8.01 3.46 5.55
CA VAL A 103 8.46 2.09 5.80
C VAL A 103 9.93 2.04 6.23
N PRO A 104 10.87 2.71 5.56
CA PRO A 104 12.25 2.71 6.04
C PRO A 104 12.42 3.15 7.48
N ASN A 105 11.60 4.08 7.96
CA ASN A 105 11.75 4.56 9.33
C ASN A 105 11.35 3.49 10.33
N TRP A 106 10.20 2.85 10.10
CA TRP A 106 9.82 1.73 10.95
C TRP A 106 10.87 0.64 10.93
N HIS A 107 11.41 0.34 9.75
CA HIS A 107 12.42 -0.71 9.64
C HIS A 107 13.70 -0.33 10.38
N ARG A 108 14.13 0.92 10.27
CA ARG A 108 15.31 1.37 11.01
C ARG A 108 15.10 1.21 12.51
N ASP A 109 14.03 1.80 13.05
CA ASP A 109 13.79 1.72 14.49
C ASP A 109 13.62 0.28 14.94
N LEU A 110 13.17 -0.60 14.05
CA LEU A 110 12.96 -1.99 14.41
C LEU A 110 14.27 -2.75 14.49
N VAL A 111 15.09 -2.69 13.44
CA VAL A 111 16.33 -3.47 13.42
C VAL A 111 17.42 -2.88 14.30
N ARG A 112 17.24 -1.66 14.80
CA ARG A 112 18.20 -1.14 15.77
C ARG A 112 18.04 -1.82 17.12
N VAL A 113 16.84 -2.29 17.44
CA VAL A 113 16.63 -3.02 18.69
C VAL A 113 16.93 -4.50 18.45
N CYS A 114 16.07 -5.18 17.72
CA CYS A 114 16.29 -6.59 17.41
C CYS A 114 17.02 -6.66 16.07
N GLU A 115 18.34 -6.77 16.13
CA GLU A 115 19.24 -6.69 14.98
C GLU A 115 19.07 -7.80 13.94
N ASN A 116 18.45 -8.93 14.28
CA ASN A 116 18.46 -10.03 13.30
C ASN A 116 17.25 -10.95 13.49
N ILE A 117 16.10 -10.51 12.97
CA ILE A 117 14.88 -11.30 13.09
C ILE A 117 14.16 -11.29 11.76
N PRO A 118 13.34 -12.32 11.51
CA PRO A 118 12.56 -12.35 10.27
C PRO A 118 11.48 -11.27 10.27
N ILE A 119 11.43 -10.50 9.20
CA ILE A 119 10.50 -9.38 9.07
C ILE A 119 9.78 -9.50 7.74
N VAL A 120 8.45 -9.47 7.78
CA VAL A 120 7.63 -9.42 6.58
C VAL A 120 7.17 -7.98 6.37
N LEU A 121 7.11 -7.58 5.11
CA LEU A 121 6.58 -6.28 4.71
C LEU A 121 5.26 -6.51 3.98
N CYS A 122 4.21 -5.85 4.43
CA CYS A 122 2.87 -6.05 3.90
C CYS A 122 2.31 -4.73 3.36
N GLY A 123 1.75 -4.78 2.16
CA GLY A 123 0.94 -3.70 1.65
C GLY A 123 -0.54 -4.03 1.80
N ASN A 124 -1.22 -3.36 2.73
CA ASN A 124 -2.61 -3.67 3.00
C ASN A 124 -3.52 -2.86 2.06
N LYS A 125 -4.80 -3.22 2.08
CA LYS A 125 -5.83 -2.49 1.35
C LYS A 125 -5.64 -2.61 -0.17
N VAL A 126 -5.26 -3.81 -0.63
CA VAL A 126 -4.97 -3.98 -2.05
C VAL A 126 -6.25 -4.19 -2.81
N ASP A 127 -7.37 -4.26 -2.09
CA ASP A 127 -8.69 -4.42 -2.68
C ASP A 127 -9.22 -3.12 -3.26
N ILE A 128 -8.70 -1.98 -2.82
CA ILE A 128 -9.22 -0.68 -3.25
C ILE A 128 -8.72 -0.40 -4.66
N LYS A 129 -9.65 -0.04 -5.54
CA LYS A 129 -9.32 -0.01 -6.97
C LYS A 129 -8.43 1.17 -7.33
N ASP A 130 -8.47 2.25 -6.56
CA ASP A 130 -7.60 3.38 -6.83
C ASP A 130 -6.34 3.26 -5.97
N ARG A 131 -5.50 2.31 -6.35
CA ARG A 131 -4.24 2.06 -5.65
C ARG A 131 -3.24 3.17 -5.96
N LYS A 132 -2.62 3.73 -4.93
CA LYS A 132 -1.71 4.85 -5.10
C LYS A 132 -0.24 4.44 -5.03
N VAL A 133 0.12 3.52 -4.14
CA VAL A 133 1.47 2.98 -4.12
C VAL A 133 1.54 1.87 -5.16
N LYS A 134 1.91 2.23 -6.39
CA LYS A 134 1.88 1.29 -7.51
C LYS A 134 2.67 0.02 -7.19
N ALA A 135 2.12 -1.13 -7.59
CA ALA A 135 2.77 -2.40 -7.27
C ALA A 135 4.19 -2.46 -7.84
N LYS A 136 4.43 -1.81 -8.99
CA LYS A 136 5.75 -1.81 -9.61
C LYS A 136 6.79 -1.07 -8.76
N SER A 137 6.37 -0.40 -7.69
CA SER A 137 7.22 0.58 -7.01
C SER A 137 7.69 0.14 -5.63
N ILE A 138 7.34 -1.07 -5.19
CA ILE A 138 7.67 -1.55 -3.85
C ILE A 138 8.94 -2.37 -3.97
N VAL A 139 10.08 -1.75 -3.63
CA VAL A 139 11.39 -2.36 -3.84
C VAL A 139 12.29 -2.17 -2.62
N PHE A 140 11.75 -1.62 -1.53
CA PHE A 140 12.57 -1.40 -0.35
C PHE A 140 13.04 -2.72 0.26
N HIS A 141 12.16 -3.73 0.27
CA HIS A 141 12.47 -4.98 0.95
C HIS A 141 13.60 -5.74 0.28
N ARG A 142 13.91 -5.43 -0.99
CA ARG A 142 14.95 -6.11 -1.75
C ARG A 142 16.26 -6.16 -0.96
N LYS A 143 16.92 -5.00 -0.84
CA LYS A 143 18.26 -4.92 -0.26
C LYS A 143 18.27 -5.08 1.24
N LYS A 144 17.12 -5.03 1.90
CA LYS A 144 17.04 -5.33 3.32
C LYS A 144 16.71 -6.79 3.58
N ASN A 145 16.63 -7.60 2.52
CA ASN A 145 16.35 -9.03 2.59
C ASN A 145 15.09 -9.30 3.43
N LEU A 146 14.05 -8.52 3.17
CA LEU A 146 12.73 -8.73 3.74
C LEU A 146 11.83 -9.42 2.72
N GLN A 147 10.84 -10.16 3.21
CA GLN A 147 9.87 -10.82 2.37
C GLN A 147 8.62 -9.96 2.30
N TYR A 148 8.03 -9.86 1.11
CA TYR A 148 6.94 -8.94 0.87
C TYR A 148 5.68 -9.68 0.42
N TYR A 149 4.52 -9.12 0.82
CA TYR A 149 3.23 -9.65 0.42
C TYR A 149 2.23 -8.53 0.23
N ASP A 150 1.15 -8.85 -0.49
CA ASP A 150 0.05 -7.93 -0.80
C ASP A 150 -1.24 -8.31 -0.09
N ILE A 151 -1.25 -8.28 1.25
CA ILE A 151 -2.44 -8.71 1.97
C ILE A 151 -3.56 -7.69 1.80
N SER A 152 -4.80 -8.17 1.92
CA SER A 152 -5.98 -7.32 2.03
C SER A 152 -6.82 -7.83 3.19
N ALA A 153 -6.90 -7.05 4.26
CA ALA A 153 -7.59 -7.52 5.46
C ALA A 153 -9.08 -7.72 5.20
N LYS A 154 -9.64 -7.04 4.20
CA LYS A 154 -11.06 -7.19 3.89
C LYS A 154 -11.34 -8.32 2.90
N SER A 155 -10.45 -8.59 1.95
CA SER A 155 -10.68 -9.62 0.94
C SER A 155 -10.02 -10.95 1.25
N ASN A 156 -9.21 -11.03 2.31
CA ASN A 156 -8.43 -12.23 2.64
C ASN A 156 -7.41 -12.58 1.56
N TYR A 157 -7.10 -11.64 0.67
CA TYR A 157 -6.03 -11.83 -0.29
C TYR A 157 -4.70 -12.00 0.46
N ASN A 158 -4.05 -13.15 0.27
CA ASN A 158 -2.82 -13.48 0.98
C ASN A 158 -2.98 -13.25 2.49
N PHE A 159 -4.09 -13.74 3.03
CA PHE A 159 -4.45 -13.43 4.42
C PHE A 159 -3.44 -14.01 5.42
N GLU A 160 -3.08 -15.28 5.24
CA GLU A 160 -2.20 -15.98 6.18
C GLU A 160 -0.75 -16.04 5.73
N LYS A 161 -0.46 -15.62 4.50
CA LYS A 161 0.90 -15.73 3.99
C LYS A 161 1.99 -15.10 4.86
N PRO A 162 1.79 -13.94 5.51
CA PRO A 162 2.85 -13.44 6.39
C PRO A 162 3.15 -14.36 7.56
N PHE A 163 2.11 -14.82 8.26
CA PHE A 163 2.31 -15.74 9.38
C PHE A 163 2.89 -17.07 8.93
N LEU A 164 2.46 -17.57 7.78
CA LEU A 164 3.01 -18.80 7.23
C LEU A 164 4.51 -18.65 6.98
N TRP A 165 4.90 -17.57 6.30
CA TRP A 165 6.30 -17.34 5.99
C TRP A 165 7.14 -17.22 7.26
N LEU A 166 6.62 -16.48 8.25
CA LEU A 166 7.35 -16.32 9.51
C LEU A 166 7.45 -17.65 10.27
N ALA A 167 6.38 -18.44 10.25
CA ALA A 167 6.41 -19.73 10.93
C ALA A 167 7.45 -20.66 10.32
N ARG A 168 7.56 -20.65 8.99
CA ARG A 168 8.63 -21.39 8.33
C ARG A 168 10.00 -20.86 8.74
N LYS A 169 10.19 -19.54 8.69
CA LYS A 169 11.50 -18.97 8.99
C LYS A 169 11.89 -19.14 10.46
N LEU A 170 10.94 -19.42 11.33
CA LEU A 170 11.22 -19.61 12.76
C LEU A 170 11.34 -21.07 13.15
N ILE A 171 10.55 -21.95 12.55
CA ILE A 171 10.65 -23.36 12.87
C ILE A 171 11.75 -24.03 12.06
N GLY A 172 12.05 -23.52 10.87
CA GLY A 172 13.10 -24.07 10.04
C GLY A 172 12.65 -25.09 9.04
N ASP A 173 11.35 -25.32 8.90
CA ASP A 173 10.80 -26.28 7.95
C ASP A 173 10.25 -25.52 6.75
N PRO A 174 10.96 -25.46 5.62
CA PRO A 174 10.47 -24.67 4.48
C PRO A 174 9.21 -25.24 3.84
N ASN A 175 8.62 -26.26 4.47
CA ASN A 175 7.42 -26.90 3.93
C ASN A 175 6.30 -26.99 4.96
N LEU A 176 6.31 -26.12 5.97
CA LEU A 176 5.23 -26.09 6.94
C LEU A 176 3.93 -25.66 6.27
N GLU A 177 2.81 -26.11 6.84
CA GLU A 177 1.50 -25.81 6.26
C GLU A 177 0.47 -25.65 7.37
N PHE A 178 -0.36 -24.61 7.26
CA PHE A 178 -1.49 -24.43 8.17
C PHE A 178 -2.63 -25.36 7.75
N VAL A 179 -3.21 -26.06 8.72
CA VAL A 179 -4.29 -26.99 8.46
C VAL A 179 -5.60 -26.59 9.13
N ALA A 180 -5.58 -25.62 10.03
CA ALA A 180 -6.76 -25.12 10.74
C ALA A 180 -7.56 -26.23 11.43
N MET A 181 -6.85 -27.18 12.07
CA MET A 181 -7.51 -28.28 12.78
C MET A 181 -8.17 -27.75 14.06
N PRO A 182 -9.20 -28.46 14.61
CA PRO A 182 -9.94 -28.09 15.83
C PRO A 182 -9.10 -27.57 16.99
N LEU B 22 2.12 -5.13 42.26
CA LEU B 22 1.31 -5.46 41.09
C LEU B 22 -0.01 -4.71 41.15
N ALA B 23 -0.03 -3.62 41.88
CA ALA B 23 -1.24 -2.83 42.11
C ALA B 23 -1.06 -1.41 41.61
N ASP B 24 -2.20 -0.78 41.35
CA ASP B 24 -2.16 0.57 40.81
C ASP B 24 -1.55 1.52 41.81
N HIS B 25 -1.75 1.27 43.10
CA HIS B 25 -1.12 2.16 44.06
C HIS B 25 0.40 2.02 44.00
N ALA B 26 0.91 0.77 44.09
CA ALA B 26 2.34 0.55 43.90
C ALA B 26 2.90 1.25 42.68
N ALA B 27 2.21 1.16 41.54
CA ALA B 27 2.66 1.87 40.35
C ALA B 27 2.71 3.39 40.56
N ARG B 28 1.69 3.92 41.23
CA ARG B 28 1.64 5.35 41.52
C ARG B 28 2.78 5.79 42.43
N GLN B 29 3.24 4.87 43.26
CA GLN B 29 4.36 5.27 44.14
C GLN B 29 5.54 5.61 43.23
N LEU B 30 5.72 4.82 42.19
CA LEU B 30 6.89 5.02 41.33
C LEU B 30 7.08 6.48 40.93
N LEU B 31 6.00 7.27 40.96
CA LEU B 31 6.10 8.70 40.56
C LEU B 31 5.62 9.61 41.69
N ASP B 32 6.39 9.74 42.78
CA ASP B 32 5.99 10.66 43.88
C ASP B 32 6.81 11.96 43.81
N PHE B 33 8.12 11.81 43.60
CA PHE B 33 9.12 12.87 43.52
C PHE B 33 9.43 13.47 44.89
N SER B 34 8.90 12.87 45.95
CA SER B 34 9.18 13.27 47.32
C SER B 34 10.03 12.22 48.03
N GLN B 35 10.35 11.14 47.31
CA GLN B 35 11.09 10.03 47.94
C GLN B 35 11.97 9.34 46.91
N LYS B 36 12.94 8.55 47.40
CA LYS B 36 13.81 7.85 46.47
C LYS B 36 13.01 6.84 45.64
N LEU B 37 13.49 6.63 44.41
CA LEU B 37 12.82 5.70 43.48
C LEU B 37 13.07 4.26 43.95
N ASP B 38 11.99 3.48 44.07
CA ASP B 38 12.05 2.08 44.45
C ASP B 38 12.43 1.24 43.22
N ILE B 39 13.76 1.18 43.00
CA ILE B 39 14.30 0.48 41.83
C ILE B 39 13.88 -0.97 41.85
N ASN B 40 13.70 -1.54 43.05
CA ASN B 40 13.05 -2.84 43.17
C ASN B 40 11.69 -2.83 42.46
N LEU B 41 10.85 -1.86 42.80
CA LEU B 41 9.52 -1.75 42.21
C LEU B 41 9.58 -1.38 40.72
N LEU B 42 10.54 -0.55 40.33
CA LEU B 42 10.66 -0.20 38.92
C LEU B 42 11.02 -1.43 38.09
N ASP B 43 11.94 -2.26 38.60
CA ASP B 43 12.25 -3.52 37.93
C ASP B 43 11.02 -4.41 37.83
N ASN B 44 10.21 -4.46 38.90
CA ASN B 44 9.02 -5.29 38.88
C ASN B 44 8.03 -4.80 37.85
N VAL B 45 7.87 -3.48 37.73
CA VAL B 45 6.91 -2.91 36.78
C VAL B 45 7.39 -3.14 35.35
N VAL B 46 8.71 -2.99 35.12
CA VAL B 46 9.25 -3.21 33.79
C VAL B 46 9.17 -4.67 33.40
N ASN B 47 9.47 -5.58 34.33
CA ASN B 47 9.30 -7.00 34.07
C ASN B 47 7.83 -7.32 33.83
N CYS B 48 6.93 -6.56 34.46
CA CYS B 48 5.53 -6.68 34.14
C CYS B 48 5.28 -6.15 32.74
N LEU B 49 6.01 -5.13 32.31
CA LEU B 49 5.80 -4.62 30.96
C LEU B 49 6.17 -5.68 29.90
N TYR B 50 7.25 -6.43 30.11
CA TYR B 50 7.70 -7.37 29.08
C TYR B 50 7.15 -8.77 29.28
N HIS B 51 7.01 -9.23 30.52
CA HIS B 51 6.48 -10.55 30.80
C HIS B 51 5.18 -10.51 31.57
N GLY B 52 4.68 -9.32 31.86
CA GLY B 52 3.44 -9.17 32.58
C GLY B 52 2.38 -9.76 31.70
N GLU B 53 1.53 -10.59 32.25
CA GLU B 53 0.51 -11.21 31.44
C GLU B 53 -0.75 -10.34 31.54
N GLY B 54 -1.17 -9.79 30.40
CA GLY B 54 -2.48 -9.15 30.31
C GLY B 54 -2.74 -7.93 31.21
N ALA B 55 -3.80 -8.03 32.00
CA ALA B 55 -4.54 -6.87 32.51
C ALA B 55 -3.69 -5.86 33.27
N GLN B 56 -2.60 -6.29 33.91
CA GLN B 56 -1.69 -5.28 34.46
C GLN B 56 -0.65 -4.83 33.46
N GLN B 57 -0.45 -5.61 32.39
CA GLN B 57 0.45 -5.20 31.33
C GLN B 57 0.07 -3.82 30.85
N ARG B 58 -1.24 -3.62 30.63
CA ARG B 58 -1.77 -2.30 30.19
C ARG B 58 -1.44 -1.27 31.29
N MET B 59 -1.66 -1.65 32.55
CA MET B 59 -1.32 -0.78 33.69
C MET B 59 0.16 -0.42 33.70
N ALA B 60 1.02 -1.43 33.57
CA ALA B 60 2.46 -1.20 33.68
C ALA B 60 2.94 -0.31 32.55
N GLN B 61 2.41 -0.51 31.35
CA GLN B 61 2.76 0.34 30.23
C GLN B 61 2.32 1.78 30.47
N GLU B 62 1.10 1.97 30.96
CA GLU B 62 0.62 3.32 31.27
C GLU B 62 1.54 4.02 32.23
N VAL B 63 1.98 3.30 33.27
CA VAL B 63 2.79 3.92 34.30
C VAL B 63 4.17 4.27 33.78
N LEU B 64 4.76 3.37 32.98
CA LEU B 64 6.10 3.63 32.44
C LEU B 64 6.07 4.79 31.45
N THR B 65 5.10 4.81 30.53
CA THR B 65 4.93 5.96 29.65
C THR B 65 4.72 7.24 30.44
N HIS B 66 3.84 7.17 31.44
CA HIS B 66 3.50 8.34 32.23
C HIS B 66 4.72 8.93 32.93
N LEU B 67 5.55 8.07 33.53
CA LEU B 67 6.80 8.54 34.13
C LEU B 67 7.76 9.10 33.09
N LYS B 68 7.93 8.38 31.97
CA LYS B 68 8.91 8.78 30.97
C LYS B 68 8.61 10.17 30.42
N GLU B 69 7.33 10.51 30.29
CA GLU B 69 6.93 11.79 29.72
C GLU B 69 6.89 12.92 30.73
N HIS B 70 7.05 12.62 32.01
CA HIS B 70 6.98 13.66 33.03
C HIS B 70 8.17 14.63 32.93
N PRO B 71 7.96 15.89 33.33
CA PRO B 71 9.01 16.92 33.25
C PRO B 71 10.25 16.61 34.06
N ASP B 72 10.11 16.00 35.23
CA ASP B 72 11.29 15.69 36.03
C ASP B 72 12.20 14.76 35.24
N ALA B 73 11.63 13.74 34.59
CA ALA B 73 12.36 12.84 33.70
C ALA B 73 13.67 12.34 34.28
N TRP B 74 14.75 12.78 33.65
CA TRP B 74 16.10 12.26 33.74
C TRP B 74 16.80 12.36 35.09
N THR B 75 16.12 13.00 36.05
CA THR B 75 16.74 13.18 37.36
C THR B 75 17.14 11.85 37.94
N ARG B 76 16.28 10.85 37.71
CA ARG B 76 16.51 9.47 38.22
C ARG B 76 17.29 8.64 37.20
N VAL B 77 17.30 9.03 35.92
CA VAL B 77 18.02 8.22 34.94
C VAL B 77 19.32 7.61 35.46
N ASP B 78 20.18 8.44 36.08
CA ASP B 78 21.42 7.95 36.66
C ASP B 78 21.16 6.90 37.75
N THR B 79 20.23 7.17 38.65
CA THR B 79 19.86 6.22 39.70
C THR B 79 19.46 4.89 39.07
N ILE B 80 18.55 4.93 38.08
CA ILE B 80 18.14 3.71 37.37
C ILE B 80 19.36 2.97 36.85
N LEU B 81 20.28 3.70 36.22
CA LEU B 81 21.43 3.04 35.62
C LEU B 81 22.38 2.51 36.69
N GLU B 82 22.42 3.15 37.85
CA GLU B 82 23.38 2.76 38.88
C GLU B 82 22.95 1.48 39.59
N PHE B 83 21.67 1.41 39.98
CA PHE B 83 21.23 0.40 40.93
C PHE B 83 20.47 -0.77 40.30
N SER B 84 19.98 -0.63 39.08
CA SER B 84 19.07 -1.62 38.53
C SER B 84 19.82 -2.87 38.06
N GLN B 85 19.13 -4.00 38.12
CA GLN B 85 19.77 -5.29 37.88
C GLN B 85 19.43 -5.91 36.52
N ASN B 86 18.25 -5.63 35.98
CA ASN B 86 17.83 -6.20 34.70
C ASN B 86 18.05 -5.21 33.55
N MET B 87 18.28 -5.76 32.35
CA MET B 87 18.60 -4.92 31.20
C MET B 87 17.46 -4.00 30.83
N ASN B 88 16.24 -4.51 30.92
CA ASN B 88 15.11 -3.75 30.43
C ASN B 88 14.96 -2.43 31.17
N THR B 89 15.24 -2.43 32.47
CA THR B 89 15.13 -1.20 33.22
C THR B 89 16.22 -0.22 32.84
N LYS B 90 17.44 -0.71 32.59
CA LYS B 90 18.49 0.17 32.10
C LYS B 90 18.12 0.77 30.75
N TYR B 91 17.52 -0.05 29.87
CA TYR B 91 17.08 0.45 28.57
C TYR B 91 16.01 1.52 28.73
N TYR B 92 15.11 1.34 29.69
CA TYR B 92 14.07 2.34 29.96
C TYR B 92 14.71 3.64 30.41
N GLY B 93 15.68 3.57 31.32
CA GLY B 93 16.41 4.77 31.71
C GLY B 93 17.07 5.44 30.52
N LEU B 94 17.61 4.63 29.60
CA LEU B 94 18.22 5.21 28.41
C LEU B 94 17.19 5.90 27.55
N GLN B 95 15.97 5.38 27.51
CA GLN B 95 14.90 6.05 26.78
C GLN B 95 14.64 7.44 27.37
N ILE B 96 14.57 7.54 28.70
CA ILE B 96 14.38 8.83 29.34
C ILE B 96 15.51 9.78 28.99
N LEU B 97 16.75 9.27 29.00
CA LEU B 97 17.90 10.08 28.64
C LEU B 97 17.79 10.58 27.20
N GLU B 98 17.41 9.70 26.29
CA GLU B 98 17.22 10.10 24.90
C GLU B 98 16.17 11.18 24.77
N ASN B 99 15.09 11.08 25.53
CA ASN B 99 14.05 12.10 25.50
C ASN B 99 14.61 13.46 25.89
N VAL B 100 15.34 13.52 27.01
CA VAL B 100 15.92 14.79 27.46
C VAL B 100 16.85 15.36 26.41
N ILE B 101 17.69 14.51 25.80
CA ILE B 101 18.65 14.99 24.81
C ILE B 101 17.93 15.47 23.56
N LYS B 102 16.82 14.82 23.19
CA LYS B 102 16.12 15.21 21.98
C LYS B 102 15.44 16.56 22.13
N THR B 103 14.88 16.83 23.31
CA THR B 103 13.96 17.95 23.45
C THR B 103 14.51 19.10 24.26
N ARG B 104 15.10 18.86 25.43
CA ARG B 104 15.46 19.95 26.34
C ARG B 104 16.97 20.10 26.49
N TRP B 105 17.72 19.78 25.44
CA TRP B 105 19.18 19.85 25.52
C TRP B 105 19.69 21.27 25.42
N LYS B 106 19.05 22.09 24.60
CA LYS B 106 19.47 23.47 24.41
C LYS B 106 19.13 24.36 25.59
N ILE B 107 18.46 23.82 26.62
CA ILE B 107 18.12 24.58 27.82
C ILE B 107 18.74 23.99 29.07
N LEU B 108 19.50 22.91 28.96
CA LEU B 108 20.25 22.46 30.12
C LEU B 108 21.43 23.40 30.32
N PRO B 109 21.80 23.69 31.57
CA PRO B 109 23.01 24.47 31.80
C PRO B 109 24.23 23.74 31.26
N ARG B 110 25.13 24.51 30.65
CA ARG B 110 26.24 23.96 29.88
C ARG B 110 26.97 22.85 30.63
N ASN B 111 27.17 23.03 31.95
CA ASN B 111 27.86 22.01 32.74
C ASN B 111 27.05 20.72 32.82
N GLN B 112 25.72 20.81 32.83
CA GLN B 112 24.90 19.60 32.78
C GLN B 112 25.16 18.82 31.50
N CYS B 113 25.23 19.55 30.37
CA CYS B 113 25.49 18.90 29.09
C CYS B 113 26.86 18.24 29.08
N GLU B 114 27.87 18.88 29.65
CA GLU B 114 29.20 18.27 29.72
C GLU B 114 29.18 17.03 30.60
N GLY B 115 28.46 17.09 31.72
CA GLY B 115 28.38 15.93 32.58
C GLY B 115 27.69 14.76 31.91
N ILE B 116 26.61 15.03 31.17
CA ILE B 116 25.91 13.97 30.45
C ILE B 116 26.78 13.42 29.34
N LYS B 117 27.45 14.30 28.58
CA LYS B 117 28.43 13.89 27.57
C LYS B 117 29.43 12.89 28.15
N LYS B 118 30.05 13.23 29.26
CA LYS B 118 31.12 12.39 29.80
C LYS B 118 30.56 11.11 30.42
N TYR B 119 29.40 11.21 31.08
CA TYR B 119 28.73 10.00 31.57
C TYR B 119 28.46 9.04 30.42
N VAL B 120 28.02 9.56 29.27
CA VAL B 120 27.63 8.70 28.17
C VAL B 120 28.84 8.04 27.53
N VAL B 121 29.88 8.83 27.21
CA VAL B 121 31.03 8.20 26.56
C VAL B 121 31.75 7.29 27.53
N GLY B 122 31.70 7.58 28.83
CA GLY B 122 32.28 6.68 29.79
C GLY B 122 31.52 5.36 29.91
N LEU B 123 30.19 5.44 29.86
CA LEU B 123 29.41 4.21 29.87
C LEU B 123 29.65 3.40 28.61
N ILE B 124 29.79 4.07 27.47
CA ILE B 124 30.09 3.38 26.22
C ILE B 124 31.44 2.69 26.32
N ILE B 125 32.44 3.38 26.86
CA ILE B 125 33.75 2.77 27.06
C ILE B 125 33.64 1.52 27.94
N LYS B 126 33.03 1.68 29.12
CA LYS B 126 32.96 0.56 30.07
C LYS B 126 32.23 -0.65 29.51
N THR B 127 31.13 -0.43 28.77
CA THR B 127 30.35 -1.54 28.23
C THR B 127 31.11 -2.38 27.21
N SER B 128 31.82 -1.74 26.28
CA SER B 128 32.54 -2.47 25.25
C SER B 128 33.66 -3.33 25.84
N SER B 129 34.39 -2.80 26.82
CA SER B 129 35.55 -3.51 27.36
C SER B 129 35.18 -4.90 27.89
N ASP B 130 34.02 -5.01 28.54
CA ASP B 130 33.60 -6.31 29.04
C ASP B 130 33.38 -7.26 27.86
N PRO B 131 33.83 -8.51 27.97
CA PRO B 131 33.66 -9.45 26.86
C PRO B 131 32.21 -9.72 26.58
N THR B 132 31.43 -9.81 27.65
CA THR B 132 30.00 -10.10 27.60
C THR B 132 29.27 -9.17 26.65
N CYS B 133 29.81 -8.02 26.26
CA CYS B 133 29.07 -7.10 25.39
C CYS B 133 28.62 -7.74 24.06
N VAL B 134 29.55 -8.35 23.31
CA VAL B 134 29.11 -9.20 22.19
C VAL B 134 28.06 -10.20 22.68
N GLU B 135 28.24 -10.71 23.87
CA GLU B 135 27.29 -11.56 24.52
C GLU B 135 26.20 -10.69 25.17
N LYS B 136 25.23 -11.39 25.76
CA LYS B 136 24.18 -10.74 26.56
C LYS B 136 23.47 -9.62 25.81
N GLU B 137 23.41 -8.46 26.46
CA GLU B 137 22.56 -7.35 26.00
C GLU B 137 23.32 -6.51 24.97
N LYS B 138 23.32 -6.99 23.72
CA LYS B 138 23.81 -6.13 22.66
C LYS B 138 22.89 -4.91 22.54
N VAL B 139 21.59 -5.13 22.66
CA VAL B 139 20.54 -4.12 22.58
C VAL B 139 20.95 -2.88 23.38
N TYR B 140 21.48 -3.11 24.58
CA TYR B 140 21.84 -2.01 25.48
C TYR B 140 22.99 -1.19 24.91
N ILE B 141 24.00 -1.84 24.34
CA ILE B 141 25.11 -1.12 23.73
C ILE B 141 24.63 -0.30 22.55
N GLY B 142 23.78 -0.89 21.71
CA GLY B 142 23.24 -0.15 20.59
C GLY B 142 22.47 1.07 21.02
N LYS B 143 21.66 0.93 22.08
CA LYS B 143 20.92 2.07 22.59
C LYS B 143 21.84 3.16 23.09
N LEU B 144 22.92 2.79 23.78
CA LEU B 144 23.88 3.77 24.26
C LEU B 144 24.52 4.52 23.10
N ASN B 145 24.95 3.79 22.06
CA ASN B 145 25.53 4.44 20.90
C ASN B 145 24.53 5.41 20.27
N MET B 146 23.26 5.01 20.25
CA MET B 146 22.24 5.90 19.71
C MET B 146 22.08 7.16 20.55
N ILE B 147 22.17 7.03 21.88
CA ILE B 147 22.16 8.20 22.76
C ILE B 147 23.26 9.16 22.37
N LEU B 148 24.48 8.64 22.18
CA LEU B 148 25.60 9.50 21.83
C LEU B 148 25.38 10.17 20.49
N VAL B 149 24.81 9.43 19.53
CA VAL B 149 24.53 10.01 18.21
C VAL B 149 23.51 11.13 18.34
N GLN B 150 22.56 11.00 19.26
CA GLN B 150 21.61 12.08 19.51
C GLN B 150 22.33 13.32 20.00
N ILE B 151 23.24 13.15 20.97
CA ILE B 151 24.02 14.27 21.47
C ILE B 151 24.78 14.95 20.34
N LEU B 152 25.40 14.14 19.48
CA LEU B 152 26.12 14.67 18.32
C LEU B 152 25.20 15.50 17.43
N LYS B 153 24.07 14.90 17.02
CA LYS B 153 23.08 15.62 16.22
C LYS B 153 22.71 16.95 16.86
N GLN B 154 22.66 17.00 18.19
CA GLN B 154 22.27 18.22 18.87
C GLN B 154 23.37 19.29 18.88
N GLU B 155 24.66 18.91 18.97
CA GLU B 155 25.68 19.94 19.14
C GLU B 155 27.05 19.57 18.59
N TRP B 156 27.16 18.76 17.52
CA TRP B 156 28.45 18.15 17.20
C TRP B 156 29.51 19.14 16.72
N PRO B 157 29.29 19.96 15.70
CA PRO B 157 30.37 20.88 15.29
C PRO B 157 30.72 21.92 16.36
N LYS B 158 29.72 22.67 16.83
CA LYS B 158 30.00 23.86 17.62
C LYS B 158 30.51 23.50 19.01
N HIS B 159 29.80 22.61 19.70
CA HIS B 159 30.05 22.30 21.10
C HIS B 159 30.93 21.07 21.29
N TRP B 160 31.48 20.52 20.21
CA TRP B 160 32.33 19.35 20.31
C TRP B 160 33.26 19.31 19.10
N PRO B 161 34.09 20.34 18.91
CA PRO B 161 34.73 20.55 17.60
C PRO B 161 35.76 19.50 17.25
N THR B 162 36.22 18.71 18.22
CA THR B 162 37.30 17.76 18.01
C THR B 162 36.81 16.31 18.01
N PHE B 163 35.50 16.10 17.85
CA PHE B 163 34.94 14.77 18.11
C PHE B 163 35.50 13.72 17.15
N ILE B 164 35.43 14.00 15.85
CA ILE B 164 35.92 13.04 14.86
C ILE B 164 37.36 12.71 15.12
N SER B 165 38.18 13.73 15.39
CA SER B 165 39.59 13.53 15.69
C SER B 165 39.76 12.70 16.96
N ASP B 166 39.03 13.06 18.02
CA ASP B 166 39.11 12.32 19.27
C ASP B 166 38.85 10.83 19.08
N ILE B 167 37.77 10.48 18.40
CA ILE B 167 37.43 9.05 18.32
C ILE B 167 38.26 8.35 17.26
N VAL B 168 38.68 9.05 16.20
CA VAL B 168 39.57 8.42 15.22
C VAL B 168 40.90 8.06 15.88
N GLY B 169 41.43 8.97 16.70
CA GLY B 169 42.65 8.67 17.43
C GLY B 169 42.45 7.57 18.45
N ALA B 170 41.36 7.64 19.21
CA ALA B 170 41.08 6.64 20.23
C ALA B 170 40.74 5.28 19.63
N SER B 171 40.45 5.23 18.33
CA SER B 171 40.21 3.97 17.65
C SER B 171 41.50 3.22 17.33
N ARG B 172 42.58 3.93 17.05
CA ARG B 172 43.87 3.27 16.89
C ARG B 172 44.48 2.80 18.21
N THR B 173 43.95 3.25 19.35
CA THR B 173 44.43 2.80 20.64
C THR B 173 43.94 1.38 20.96
N SER B 174 42.62 1.20 21.04
CA SER B 174 42.02 -0.11 21.25
C SER B 174 41.18 -0.50 20.04
N GLU B 175 41.05 -1.81 19.82
CA GLU B 175 40.28 -2.31 18.69
C GLU B 175 38.79 -2.44 19.01
N SER B 176 38.45 -2.85 20.22
CA SER B 176 37.05 -2.94 20.61
C SER B 176 36.40 -1.56 20.60
N LEU B 177 37.09 -0.58 21.19
CA LEU B 177 36.67 0.81 21.09
C LEU B 177 36.44 1.21 19.64
N CYS B 178 37.32 0.78 18.74
CA CYS B 178 37.21 1.15 17.34
C CYS B 178 36.00 0.53 16.67
N GLN B 179 35.70 -0.74 17.00
CA GLN B 179 34.54 -1.39 16.43
C GLN B 179 33.25 -0.69 16.84
N ASN B 180 33.11 -0.41 18.14
CA ASN B 180 31.92 0.31 18.61
C ASN B 180 31.85 1.70 18.00
N ASN B 181 33.00 2.36 17.80
CA ASN B 181 33.00 3.67 17.18
C ASN B 181 32.64 3.59 15.69
N MET B 182 32.97 2.47 15.04
CA MET B 182 32.48 2.27 13.68
C MET B 182 30.96 2.23 13.65
N VAL B 183 30.35 1.52 14.61
CA VAL B 183 28.90 1.50 14.71
C VAL B 183 28.37 2.91 14.92
N ILE B 184 29.02 3.68 15.79
CA ILE B 184 28.59 5.05 16.08
C ILE B 184 28.63 5.90 14.83
N LEU B 185 29.72 5.80 14.06
CA LEU B 185 29.83 6.57 12.82
C LEU B 185 28.75 6.15 11.82
N LYS B 186 28.44 4.86 11.75
CA LYS B 186 27.39 4.42 10.85
C LYS B 186 26.04 5.00 11.25
N LEU B 187 25.74 4.98 12.55
CA LEU B 187 24.48 5.57 13.03
C LEU B 187 24.44 7.08 12.75
N LEU B 188 25.57 7.77 12.90
CA LEU B 188 25.61 9.19 12.57
C LEU B 188 25.34 9.42 11.10
N SER B 189 25.94 8.59 10.23
CA SER B 189 25.64 8.70 8.80
C SER B 189 24.16 8.51 8.53
N GLU B 190 23.55 7.50 9.16
CA GLU B 190 22.13 7.23 8.96
C GLU B 190 21.27 8.40 9.42
N GLU B 191 21.65 9.03 10.55
CA GLU B 191 20.83 10.09 11.10
C GLU B 191 21.01 11.41 10.37
N VAL B 192 22.18 11.63 9.78
CA VAL B 192 22.45 12.89 9.09
C VAL B 192 22.03 12.84 7.62
N PHE B 193 22.27 11.71 6.94
CA PHE B 193 22.08 11.64 5.50
C PHE B 193 20.88 10.84 5.05
N ASP B 194 20.38 9.92 5.86
CA ASP B 194 19.27 9.07 5.47
C ASP B 194 17.94 9.45 6.10
N PHE B 195 17.93 9.98 7.32
CA PHE B 195 16.67 10.27 8.01
C PHE B 195 16.65 11.68 8.58
N SER B 196 17.29 12.64 7.89
CA SER B 196 17.35 14.00 8.41
C SER B 196 16.04 14.74 8.19
N SER B 197 15.42 14.56 7.03
CA SER B 197 14.17 15.26 6.73
C SER B 197 13.07 14.77 7.65
N GLY B 198 12.40 15.72 8.34
CA GLY B 198 11.32 15.40 9.23
C GLY B 198 11.72 15.24 10.69
N GLN B 199 13.00 15.02 10.97
CA GLN B 199 13.51 15.02 12.33
C GLN B 199 14.38 16.22 12.65
N ILE B 200 14.99 16.84 11.64
CA ILE B 200 15.95 17.93 11.82
C ILE B 200 15.53 19.06 10.90
N THR B 201 15.62 20.30 11.40
CA THR B 201 15.28 21.44 10.56
C THR B 201 16.23 21.52 9.37
N GLN B 202 15.77 22.23 8.34
CA GLN B 202 16.44 22.17 7.03
C GLN B 202 17.85 22.72 7.11
N VAL B 203 18.03 23.90 7.68
CA VAL B 203 19.35 24.51 7.77
C VAL B 203 20.30 23.64 8.60
N LYS B 204 19.80 23.07 9.70
CA LYS B 204 20.64 22.22 10.53
C LYS B 204 20.99 20.93 9.81
N SER B 205 20.10 20.44 8.94
CA SER B 205 20.42 19.26 8.15
C SER B 205 21.55 19.56 7.17
N LYS B 206 21.43 20.67 6.44
CA LYS B 206 22.52 21.11 5.56
C LYS B 206 23.82 21.25 6.35
N HIS B 207 23.73 21.76 7.58
CA HIS B 207 24.91 21.99 8.39
C HIS B 207 25.57 20.68 8.79
N LEU B 208 24.78 19.72 9.28
CA LEU B 208 25.34 18.42 9.66
C LEU B 208 25.91 17.68 8.44
N LYS B 209 25.25 17.79 7.30
CA LYS B 209 25.79 17.15 6.09
C LYS B 209 27.11 17.77 5.69
N ASP B 210 27.19 19.10 5.71
CA ASP B 210 28.44 19.77 5.34
C ASP B 210 29.55 19.44 6.34
N SER B 211 29.19 19.32 7.62
CA SER B 211 30.19 19.04 8.64
C SER B 211 30.75 17.61 8.52
N MET B 212 29.89 16.63 8.24
CA MET B 212 30.37 15.27 8.04
C MET B 212 31.16 15.17 6.75
N CYS B 213 30.63 15.72 5.66
CA CYS B 213 31.34 15.71 4.39
C CYS B 213 32.66 16.45 4.49
N ASN B 214 32.79 17.35 5.47
CA ASN B 214 33.98 18.21 5.59
C ASN B 214 35.11 17.50 6.32
N GLU B 215 34.80 16.68 7.32
CA GLU B 215 35.81 15.92 8.06
C GLU B 215 35.83 14.45 7.69
N PHE B 216 35.52 14.10 6.45
CA PHE B 216 35.30 12.69 6.17
C PHE B 216 36.60 11.95 5.91
N SER B 217 37.56 12.61 5.25
CA SER B 217 38.79 11.94 4.85
C SER B 217 39.49 11.26 6.01
N GLN B 218 39.37 11.84 7.21
CA GLN B 218 39.89 11.21 8.42
C GLN B 218 39.20 9.89 8.69
N ILE B 219 37.86 9.88 8.62
CA ILE B 219 37.10 8.66 8.82
C ILE B 219 37.48 7.60 7.78
N PHE B 220 37.58 8.01 6.52
CA PHE B 220 37.94 7.09 5.45
C PHE B 220 39.35 6.56 5.62
N GLN B 221 40.27 7.37 6.15
CA GLN B 221 41.59 6.87 6.52
C GLN B 221 41.47 5.73 7.53
N LEU B 222 40.74 5.96 8.62
CA LEU B 222 40.53 4.91 9.62
C LEU B 222 40.00 3.63 8.97
N CYS B 223 39.04 3.78 8.05
CA CYS B 223 38.42 2.60 7.45
C CYS B 223 39.40 1.86 6.55
N GLN B 224 40.14 2.59 5.71
CA GLN B 224 41.16 1.96 4.89
C GLN B 224 42.18 1.24 5.75
N PHE B 225 42.57 1.86 6.87
CA PHE B 225 43.54 1.26 7.78
C PHE B 225 43.02 -0.05 8.35
N VAL B 226 41.78 -0.05 8.85
CA VAL B 226 41.22 -1.26 9.44
C VAL B 226 41.07 -2.35 8.39
N MET B 227 40.62 -1.98 7.19
CA MET B 227 40.40 -2.99 6.15
C MET B 227 41.71 -3.62 5.72
N GLU B 228 42.75 -2.80 5.50
CA GLU B 228 44.01 -3.32 5.00
C GLU B 228 44.82 -4.04 6.07
N ASN B 229 44.66 -3.70 7.35
CA ASN B 229 45.58 -4.16 8.37
C ASN B 229 44.96 -5.09 9.41
N SER B 230 43.76 -4.78 9.91
CA SER B 230 43.23 -5.51 11.04
C SER B 230 42.83 -6.93 10.66
N GLN B 231 43.04 -7.86 11.59
CA GLN B 231 42.59 -9.24 11.45
C GLN B 231 41.49 -9.57 12.44
N ASN B 232 40.93 -8.57 13.12
CA ASN B 232 39.76 -8.75 13.97
C ASN B 232 38.53 -8.84 13.07
N ALA B 233 37.95 -10.05 12.99
CA ALA B 233 36.86 -10.28 12.05
C ALA B 233 35.61 -9.47 12.39
N PRO B 234 35.12 -9.42 13.63
CA PRO B 234 33.96 -8.55 13.91
C PRO B 234 34.20 -7.08 13.61
N LEU B 235 35.39 -6.56 13.96
CA LEU B 235 35.70 -5.16 13.65
C LEU B 235 35.69 -4.92 12.14
N VAL B 236 36.26 -5.86 11.38
CA VAL B 236 36.25 -5.73 9.92
C VAL B 236 34.82 -5.73 9.39
N HIS B 237 33.98 -6.60 9.93
CA HIS B 237 32.59 -6.68 9.47
C HIS B 237 31.85 -5.38 9.76
N ALA B 238 32.03 -4.82 10.96
CA ALA B 238 31.40 -3.55 11.30
C ALA B 238 31.89 -2.43 10.40
N THR B 239 33.20 -2.42 10.10
CA THR B 239 33.73 -1.40 9.19
C THR B 239 33.10 -1.49 7.81
N LEU B 240 32.93 -2.71 7.29
CA LEU B 240 32.31 -2.86 5.98
C LEU B 240 30.85 -2.41 6.01
N GLU B 241 30.11 -2.82 7.06
CA GLU B 241 28.73 -2.38 7.21
C GLU B 241 28.63 -0.86 7.22
N THR B 242 29.58 -0.19 7.87
CA THR B 242 29.59 1.28 7.88
C THR B 242 29.92 1.82 6.51
N LEU B 243 30.89 1.23 5.84
CA LEU B 243 31.28 1.66 4.50
C LEU B 243 30.08 1.64 3.54
N LEU B 244 29.13 0.74 3.78
CA LEU B 244 27.90 0.69 2.99
C LEU B 244 27.15 2.02 3.06
N ARG B 245 26.71 2.42 4.26
CA ARG B 245 26.03 3.69 4.43
C ARG B 245 26.86 4.87 3.91
N PHE B 246 28.18 4.79 4.06
CA PHE B 246 29.02 5.85 3.54
C PHE B 246 28.94 5.92 2.01
N LEU B 247 28.93 4.74 1.36
CA LEU B 247 28.77 4.71 -0.10
C LEU B 247 27.49 5.42 -0.54
N ASN B 248 26.49 5.46 0.34
CA ASN B 248 25.25 6.19 0.05
C ASN B 248 25.51 7.66 -0.28
N TRP B 249 26.46 8.31 0.41
CA TRP B 249 26.59 9.76 0.28
C TRP B 249 27.98 10.31 -0.04
N ILE B 250 29.06 9.55 0.15
CA ILE B 250 30.40 10.14 0.11
C ILE B 250 30.79 10.54 -1.30
N PRO B 251 31.71 11.49 -1.46
CA PRO B 251 32.13 11.90 -2.82
C PRO B 251 32.73 10.73 -3.57
N LEU B 252 32.54 10.74 -4.90
CA LEU B 252 32.97 9.62 -5.72
C LEU B 252 34.47 9.37 -5.66
N GLY B 253 35.26 10.39 -5.30
CA GLY B 253 36.70 10.22 -5.28
C GLY B 253 37.16 9.12 -4.34
N TYR B 254 36.49 8.98 -3.20
CA TYR B 254 36.85 7.92 -2.27
C TYR B 254 36.52 6.53 -2.82
N ILE B 255 35.61 6.44 -3.78
CA ILE B 255 35.14 5.15 -4.26
C ILE B 255 35.95 4.68 -5.46
N PHE B 256 36.06 5.52 -6.48
CA PHE B 256 36.63 5.12 -7.76
C PHE B 256 38.07 5.58 -7.96
N GLU B 257 38.69 6.23 -6.98
CA GLU B 257 40.05 6.70 -7.11
C GLU B 257 40.97 6.17 -6.00
N THR B 258 40.57 5.08 -5.34
CA THR B 258 41.37 4.50 -4.27
C THR B 258 41.43 2.98 -4.46
N LYS B 259 42.08 2.31 -3.50
CA LYS B 259 42.19 0.86 -3.44
C LYS B 259 40.87 0.17 -3.15
N LEU B 260 39.78 0.92 -3.02
CA LEU B 260 38.57 0.39 -2.40
C LEU B 260 37.99 -0.79 -3.17
N ILE B 261 37.70 -0.59 -4.45
CA ILE B 261 37.08 -1.66 -5.25
C ILE B 261 37.96 -2.91 -5.22
N SER B 262 39.26 -2.74 -5.44
CA SER B 262 40.18 -3.87 -5.43
C SER B 262 40.22 -4.53 -4.05
N THR B 263 40.27 -3.72 -2.99
CA THR B 263 40.33 -4.28 -1.64
C THR B 263 39.08 -5.11 -1.33
N LEU B 264 37.90 -4.61 -1.70
CA LEU B 264 36.67 -5.35 -1.48
C LEU B 264 36.68 -6.68 -2.22
N ILE B 265 37.01 -6.64 -3.51
CA ILE B 265 36.89 -7.84 -4.34
C ILE B 265 37.92 -8.89 -3.93
N TYR B 266 39.14 -8.46 -3.62
CA TYR B 266 40.21 -9.41 -3.35
C TYR B 266 40.23 -9.88 -1.89
N LYS B 267 40.07 -8.97 -0.93
CA LYS B 267 40.27 -9.30 0.47
C LYS B 267 39.01 -9.73 1.20
N PHE B 268 37.82 -9.47 0.64
CA PHE B 268 36.59 -9.70 1.40
C PHE B 268 35.49 -10.45 0.64
N LEU B 269 35.47 -10.33 -0.68
CA LEU B 269 34.36 -10.89 -1.44
C LEU B 269 34.35 -12.41 -1.41
N ASN B 270 35.53 -13.03 -1.33
CA ASN B 270 35.62 -14.49 -1.42
C ASN B 270 35.53 -15.20 -0.08
N VAL B 271 35.94 -14.53 1.00
CA VAL B 271 35.88 -15.17 2.31
C VAL B 271 34.43 -15.26 2.76
N PRO B 272 33.97 -16.41 3.30
CA PRO B 272 32.55 -16.59 3.62
C PRO B 272 31.90 -15.48 4.42
N MET B 273 32.32 -15.31 5.68
CA MET B 273 31.63 -14.39 6.58
C MET B 273 31.60 -12.94 6.09
N PHE B 274 32.34 -12.61 5.03
CA PHE B 274 32.37 -11.25 4.50
C PHE B 274 31.73 -11.11 3.12
N ARG B 275 31.31 -12.22 2.49
CA ARG B 275 30.92 -12.15 1.08
C ARG B 275 29.66 -11.33 0.87
N ASN B 276 28.73 -11.36 1.83
CA ASN B 276 27.47 -10.62 1.67
C ASN B 276 27.73 -9.12 1.66
N VAL B 277 28.11 -8.56 2.80
CA VAL B 277 28.40 -7.14 2.96
C VAL B 277 29.20 -6.64 1.77
N SER B 278 30.35 -7.27 1.52
CA SER B 278 31.21 -6.90 0.41
C SER B 278 30.40 -6.76 -0.88
N LEU B 279 29.69 -7.83 -1.28
CA LEU B 279 28.92 -7.78 -2.51
C LEU B 279 27.93 -6.63 -2.49
N LYS B 280 27.23 -6.44 -1.37
CA LYS B 280 26.32 -5.30 -1.23
C LYS B 280 27.02 -4.00 -1.58
N CYS B 281 28.19 -3.75 -0.96
CA CYS B 281 28.98 -2.57 -1.29
C CYS B 281 29.21 -2.49 -2.79
N LEU B 282 29.68 -3.58 -3.39
CA LEU B 282 29.92 -3.60 -4.83
C LEU B 282 28.65 -3.20 -5.58
N THR B 283 27.51 -3.77 -5.19
CA THR B 283 26.26 -3.43 -5.84
C THR B 283 26.01 -1.93 -5.78
N GLU B 284 26.20 -1.34 -4.59
CA GLU B 284 26.05 0.11 -4.46
C GLU B 284 26.98 0.85 -5.41
N ILE B 285 28.24 0.42 -5.47
CA ILE B 285 29.19 1.05 -6.37
C ILE B 285 28.75 0.87 -7.82
N ALA B 286 28.14 -0.28 -8.13
CA ALA B 286 27.62 -0.51 -9.46
C ALA B 286 26.42 0.36 -9.78
N GLY B 287 25.72 0.85 -8.76
CA GLY B 287 24.57 1.70 -9.00
C GLY B 287 24.93 3.08 -9.51
N VAL B 288 26.16 3.53 -9.29
CA VAL B 288 26.57 4.87 -9.70
C VAL B 288 26.60 4.95 -11.21
N SER B 289 25.98 5.99 -11.76
CA SER B 289 25.93 6.22 -13.19
C SER B 289 26.72 7.49 -13.51
N VAL B 290 28.00 7.31 -13.83
CA VAL B 290 28.90 8.42 -14.10
C VAL B 290 29.79 8.07 -15.28
N SER B 291 30.02 9.05 -16.15
CA SER B 291 30.75 8.80 -17.39
C SER B 291 32.26 8.75 -17.21
N GLN B 292 32.78 9.27 -16.10
CA GLN B 292 34.21 9.49 -15.96
C GLN B 292 34.99 8.30 -15.43
N TYR B 293 34.31 7.30 -14.86
CA TYR B 293 34.98 6.16 -14.26
C TYR B 293 34.80 4.88 -15.06
N GLU B 294 34.60 5.02 -16.37
CA GLU B 294 34.37 3.90 -17.27
C GLU B 294 35.28 2.71 -16.96
N GLU B 295 36.59 2.91 -17.10
CA GLU B 295 37.54 1.83 -16.85
C GLU B 295 37.32 1.17 -15.50
N GLN B 296 37.20 1.99 -14.44
CA GLN B 296 36.97 1.44 -13.11
C GLN B 296 35.79 0.48 -13.11
N PHE B 297 34.67 0.90 -13.70
CA PHE B 297 33.50 0.02 -13.78
C PHE B 297 33.85 -1.29 -14.45
N VAL B 298 34.53 -1.22 -15.60
CA VAL B 298 34.98 -2.45 -16.27
C VAL B 298 35.76 -3.31 -15.28
N THR B 299 36.74 -2.71 -14.60
CA THR B 299 37.48 -3.41 -13.56
C THR B 299 36.51 -4.06 -12.58
N LEU B 300 35.61 -3.25 -12.03
CA LEU B 300 34.63 -3.74 -11.05
C LEU B 300 33.93 -5.00 -11.56
N PHE B 301 33.55 -5.00 -12.84
CA PHE B 301 32.94 -6.21 -13.40
C PHE B 301 33.96 -7.34 -13.46
N THR B 302 35.05 -7.12 -14.21
CA THR B 302 36.08 -8.11 -14.47
C THR B 302 36.43 -8.83 -13.17
N LEU B 303 37.03 -8.09 -12.24
CA LEU B 303 37.47 -8.66 -10.96
C LEU B 303 36.34 -9.42 -10.28
N THR B 304 35.16 -8.78 -10.16
CA THR B 304 34.05 -9.44 -9.47
C THR B 304 33.72 -10.78 -10.12
N MET B 305 33.66 -10.82 -11.46
CA MET B 305 33.41 -12.08 -12.14
C MET B 305 34.51 -13.10 -11.81
N MET B 306 35.78 -12.67 -11.86
CA MET B 306 36.87 -13.60 -11.55
C MET B 306 36.75 -14.19 -10.16
N GLN B 307 36.02 -13.53 -9.27
CA GLN B 307 35.81 -14.10 -7.95
C GLN B 307 34.60 -15.03 -7.91
N LEU B 308 33.53 -14.65 -8.61
CA LEU B 308 32.32 -15.45 -8.56
C LEU B 308 32.57 -16.83 -9.13
N LYS B 309 33.27 -16.92 -10.26
CA LYS B 309 33.60 -18.20 -10.85
C LYS B 309 34.40 -19.09 -9.90
N GLN B 310 35.04 -18.52 -8.88
CA GLN B 310 35.71 -19.33 -7.89
C GLN B 310 34.74 -19.85 -6.83
N MET B 311 33.85 -18.97 -6.35
CA MET B 311 32.93 -19.34 -5.27
C MET B 311 31.70 -20.06 -5.78
N LEU B 312 31.27 -19.77 -7.00
CA LEU B 312 30.04 -20.33 -7.57
C LEU B 312 30.33 -20.75 -8.99
N PRO B 313 30.86 -21.96 -9.18
CA PRO B 313 31.15 -22.42 -10.54
C PRO B 313 29.89 -22.47 -11.39
N LEU B 314 30.04 -22.10 -12.66
CA LEU B 314 28.91 -21.95 -13.57
C LEU B 314 28.13 -23.24 -13.78
N ASN B 315 28.67 -24.39 -13.36
CA ASN B 315 27.97 -25.66 -13.49
C ASN B 315 26.99 -25.90 -12.36
N THR B 316 26.87 -24.96 -11.43
CA THR B 316 26.13 -25.20 -10.19
C THR B 316 24.63 -25.10 -10.44
N ASN B 317 23.88 -26.02 -9.83
CA ASN B 317 22.43 -25.92 -9.78
C ASN B 317 22.10 -24.92 -8.68
N ILE B 318 21.97 -23.65 -9.08
CA ILE B 318 21.69 -22.60 -8.11
C ILE B 318 20.29 -22.75 -7.54
N ARG B 319 19.36 -23.32 -8.31
CA ARG B 319 18.05 -23.64 -7.74
C ARG B 319 18.19 -24.55 -6.52
N LEU B 320 18.93 -25.65 -6.67
CA LEU B 320 19.14 -26.55 -5.53
C LEU B 320 19.97 -25.89 -4.45
N ALA B 321 21.04 -25.18 -4.84
CA ALA B 321 21.90 -24.53 -3.86
C ALA B 321 21.10 -23.60 -2.96
N TYR B 322 20.16 -22.86 -3.54
CA TYR B 322 19.30 -21.98 -2.76
C TYR B 322 18.25 -22.78 -1.99
N SER B 323 17.66 -23.79 -2.63
CA SER B 323 16.57 -24.54 -2.01
C SER B 323 17.03 -25.23 -0.73
N ASN B 324 18.23 -25.80 -0.74
CA ASN B 324 18.75 -26.51 0.43
C ASN B 324 19.53 -25.59 1.37
N GLY B 325 20.16 -24.56 0.84
CA GLY B 325 21.15 -23.79 1.57
C GLY B 325 20.60 -23.06 2.79
N LYS B 326 21.55 -22.61 3.61
CA LYS B 326 21.26 -21.88 4.83
C LYS B 326 21.00 -20.41 4.50
N ASP B 327 20.79 -19.61 5.55
CA ASP B 327 20.26 -18.26 5.36
C ASP B 327 21.24 -17.36 4.61
N ASP B 328 22.53 -17.39 4.98
CA ASP B 328 23.47 -16.50 4.30
C ASP B 328 23.77 -16.97 2.88
N GLU B 329 23.63 -18.27 2.60
CA GLU B 329 23.70 -18.73 1.22
C GLU B 329 22.60 -18.11 0.37
N GLN B 330 21.37 -18.16 0.89
CA GLN B 330 20.24 -17.56 0.20
C GLN B 330 20.43 -16.06 0.03
N ASN B 331 20.89 -15.38 1.07
CA ASN B 331 21.12 -13.94 0.99
C ASN B 331 22.21 -13.62 -0.03
N PHE B 332 23.23 -14.47 -0.14
CA PHE B 332 24.26 -14.23 -1.14
C PHE B 332 23.71 -14.40 -2.54
N ILE B 333 22.83 -15.38 -2.75
CA ILE B 333 22.25 -15.57 -4.07
C ILE B 333 21.40 -14.37 -4.45
N GLN B 334 20.62 -13.84 -3.50
CA GLN B 334 19.80 -12.68 -3.80
C GLN B 334 20.67 -11.44 -4.04
N ASN B 335 21.73 -11.29 -3.26
CA ASN B 335 22.65 -10.17 -3.47
C ASN B 335 23.39 -10.29 -4.79
N LEU B 336 23.65 -11.51 -5.24
CA LEU B 336 24.25 -11.71 -6.56
C LEU B 336 23.29 -11.29 -7.67
N SER B 337 22.02 -11.70 -7.56
CA SER B 337 21.02 -11.26 -8.53
C SER B 337 20.95 -9.73 -8.55
N LEU B 338 20.92 -9.11 -7.37
CA LEU B 338 20.86 -7.66 -7.29
C LEU B 338 22.09 -7.02 -7.94
N PHE B 339 23.28 -7.55 -7.66
CA PHE B 339 24.50 -6.97 -8.22
C PHE B 339 24.49 -7.06 -9.74
N LEU B 340 24.23 -8.25 -10.28
CA LEU B 340 24.27 -8.42 -11.74
C LEU B 340 23.21 -7.58 -12.42
N CYS B 341 22.00 -7.54 -11.86
CA CYS B 341 20.94 -6.72 -12.44
C CYS B 341 21.34 -5.25 -12.43
N THR B 342 21.76 -4.74 -11.26
CA THR B 342 22.20 -3.36 -11.12
C THR B 342 23.27 -3.01 -12.15
N PHE B 343 24.39 -3.73 -12.11
CA PHE B 343 25.53 -3.39 -12.96
C PHE B 343 25.17 -3.50 -14.43
N LEU B 344 24.44 -4.56 -14.82
CA LEU B 344 24.15 -4.75 -16.23
C LEU B 344 23.21 -3.67 -16.74
N LYS B 345 22.12 -3.39 -16.01
CA LYS B 345 21.23 -2.31 -16.41
C LYS B 345 21.97 -0.99 -16.61
N GLU B 346 22.91 -0.67 -15.70
CA GLU B 346 23.56 0.63 -15.78
C GLU B 346 24.77 0.68 -16.69
N HIS B 347 25.43 -0.46 -16.96
CA HIS B 347 26.71 -0.42 -17.67
C HIS B 347 26.89 -1.62 -18.60
N ASP B 348 25.82 -2.13 -19.20
CA ASP B 348 26.02 -3.20 -20.17
C ASP B 348 26.74 -2.71 -21.41
N GLN B 349 26.53 -1.44 -21.77
CA GLN B 349 27.16 -0.87 -22.96
C GLN B 349 28.68 -0.93 -22.86
N LEU B 350 29.23 -0.69 -21.67
CA LEU B 350 30.67 -0.63 -21.52
C LEU B 350 31.31 -1.98 -21.82
N ILE B 351 30.67 -3.07 -21.42
CA ILE B 351 31.19 -4.40 -21.71
C ILE B 351 30.84 -4.89 -23.10
N GLU B 352 29.76 -4.37 -23.70
CA GLU B 352 29.39 -4.78 -25.04
C GLU B 352 30.44 -4.38 -26.06
N LYS B 353 30.97 -3.16 -25.94
CA LYS B 353 31.97 -2.64 -26.87
C LYS B 353 33.38 -3.04 -26.50
N ARG B 354 33.57 -4.21 -25.91
CA ARG B 354 34.90 -4.74 -25.61
C ARG B 354 34.89 -6.22 -25.96
N LEU B 355 35.42 -6.54 -27.16
CA LEU B 355 35.33 -7.91 -27.66
C LEU B 355 35.99 -8.88 -26.70
N ASN B 356 37.10 -8.47 -26.09
CA ASN B 356 37.88 -9.34 -25.22
C ASN B 356 37.11 -9.73 -23.97
N LEU B 357 35.85 -9.31 -23.86
CA LEU B 357 35.01 -9.58 -22.70
C LEU B 357 33.73 -10.34 -23.05
N ARG B 358 33.47 -10.63 -24.33
CA ARG B 358 32.34 -11.46 -24.75
C ARG B 358 32.10 -12.60 -23.78
N GLU B 359 33.05 -13.54 -23.72
CA GLU B 359 32.93 -14.71 -22.85
C GLU B 359 32.49 -14.34 -21.44
N THR B 360 33.07 -13.28 -20.88
CA THR B 360 32.72 -12.90 -19.51
C THR B 360 31.28 -12.42 -19.44
N LEU B 361 30.89 -11.52 -20.36
CA LEU B 361 29.52 -11.03 -20.40
C LEU B 361 28.53 -12.19 -20.45
N MET B 362 28.70 -13.08 -21.42
CA MET B 362 27.88 -14.29 -21.49
C MET B 362 27.83 -15.01 -20.15
N GLU B 363 28.99 -15.24 -19.54
CA GLU B 363 29.04 -15.90 -18.24
C GLU B 363 28.09 -15.22 -17.26
N ALA B 364 28.18 -13.90 -17.16
CA ALA B 364 27.28 -13.15 -16.29
C ALA B 364 25.82 -13.46 -16.64
N LEU B 365 25.47 -13.33 -17.93
CA LEU B 365 24.12 -13.69 -18.37
C LEU B 365 23.79 -15.12 -17.96
N HIS B 366 24.72 -16.04 -18.20
CA HIS B 366 24.51 -17.42 -17.77
C HIS B 366 24.14 -17.47 -16.28
N TYR B 367 24.92 -16.77 -15.45
CA TYR B 367 24.62 -16.67 -14.02
C TYR B 367 23.16 -16.30 -13.80
N MET B 368 22.70 -15.21 -14.44
CA MET B 368 21.31 -14.77 -14.29
C MET B 368 20.34 -15.90 -14.61
N LEU B 369 20.55 -16.58 -15.75
CA LEU B 369 19.70 -17.70 -16.11
C LEU B 369 19.64 -18.74 -14.98
N LEU B 370 20.81 -19.12 -14.45
CA LEU B 370 20.84 -20.05 -13.33
C LEU B 370 20.04 -19.50 -12.15
N VAL B 371 20.28 -18.24 -11.79
CA VAL B 371 19.56 -17.62 -10.67
C VAL B 371 18.07 -17.56 -10.96
N SER B 372 17.70 -17.47 -12.24
CA SER B 372 16.29 -17.38 -12.60
C SER B 372 15.55 -18.68 -12.31
N GLU B 373 16.26 -19.80 -12.19
CA GLU B 373 15.62 -21.05 -11.85
C GLU B 373 15.30 -21.16 -10.36
N VAL B 374 15.78 -20.22 -9.54
CA VAL B 374 15.47 -20.22 -8.12
C VAL B 374 13.98 -19.99 -7.93
N GLU B 375 13.34 -20.88 -7.17
CA GLU B 375 11.90 -20.77 -6.94
C GLU B 375 11.69 -19.86 -5.72
N GLU B 376 11.83 -18.56 -5.97
CA GLU B 376 11.57 -17.53 -4.97
C GLU B 376 11.15 -16.29 -5.74
N THR B 377 9.87 -15.92 -5.62
CA THR B 377 9.30 -14.92 -6.52
C THR B 377 10.02 -13.58 -6.42
N GLU B 378 10.65 -13.28 -5.28
CA GLU B 378 11.34 -12.00 -5.15
C GLU B 378 12.63 -12.00 -5.95
N ILE B 379 13.47 -13.03 -5.78
CA ILE B 379 14.66 -13.17 -6.61
C ILE B 379 14.30 -13.23 -8.08
N PHE B 380 13.19 -13.90 -8.40
CA PHE B 380 12.79 -14.01 -9.80
C PHE B 380 12.35 -12.66 -10.36
N LYS B 381 11.71 -11.83 -9.53
CA LYS B 381 11.37 -10.48 -9.99
C LYS B 381 12.62 -9.67 -10.21
N ILE B 382 13.63 -9.84 -9.36
CA ILE B 382 14.91 -9.18 -9.57
C ILE B 382 15.51 -9.58 -10.91
N CYS B 383 15.45 -10.87 -11.25
CA CYS B 383 15.98 -11.33 -12.52
C CYS B 383 15.12 -10.84 -13.69
N LEU B 384 13.80 -10.87 -13.52
CA LEU B 384 12.91 -10.47 -14.59
C LEU B 384 13.05 -8.99 -14.90
N GLU B 385 13.44 -8.20 -13.90
CA GLU B 385 13.77 -6.80 -14.13
C GLU B 385 14.84 -6.67 -15.19
N TYR B 386 15.95 -7.42 -15.05
CA TYR B 386 17.01 -7.35 -16.06
C TYR B 386 16.57 -7.96 -17.39
N TRP B 387 15.82 -9.05 -17.36
CA TRP B 387 15.40 -9.67 -18.61
C TRP B 387 14.51 -8.73 -19.41
N ASN B 388 13.59 -8.04 -18.72
CA ASN B 388 12.78 -7.04 -19.39
C ASN B 388 13.63 -5.90 -19.92
N HIS B 389 14.62 -5.46 -19.13
CA HIS B 389 15.54 -4.42 -19.59
C HIS B 389 16.25 -4.83 -20.88
N LEU B 390 16.78 -6.05 -20.92
CA LEU B 390 17.52 -6.51 -22.08
C LEU B 390 16.60 -6.64 -23.29
N ALA B 391 15.44 -7.26 -23.11
CA ALA B 391 14.51 -7.40 -24.22
C ALA B 391 14.06 -6.04 -24.74
N ALA B 392 13.79 -5.10 -23.83
CA ALA B 392 13.36 -3.77 -24.25
C ALA B 392 14.46 -3.03 -25.00
N GLU B 393 15.70 -3.15 -24.52
CA GLU B 393 16.83 -2.55 -25.22
C GLU B 393 16.97 -3.11 -26.64
N LEU B 394 16.97 -4.43 -26.76
CA LEU B 394 17.13 -5.05 -28.06
C LEU B 394 15.98 -4.71 -28.99
N TYR B 395 14.77 -4.56 -28.44
CA TYR B 395 13.63 -4.18 -29.27
C TYR B 395 13.74 -2.73 -29.71
N ARG B 396 14.19 -1.85 -28.82
CA ARG B 396 14.34 -0.44 -29.20
C ARG B 396 15.45 -0.25 -30.20
N GLU B 397 16.44 -1.16 -30.21
CA GLU B 397 17.48 -1.11 -31.23
C GLU B 397 16.88 -1.37 -32.62
N SER B 398 16.11 -2.45 -32.75
CA SER B 398 15.45 -2.81 -34.01
C SER B 398 14.32 -3.79 -33.73
N PRO B 399 13.13 -3.56 -34.29
CA PRO B 399 11.96 -4.38 -33.93
C PRO B 399 11.62 -5.49 -34.92
N PHE B 400 12.55 -5.90 -35.78
CA PHE B 400 12.22 -6.85 -36.84
C PHE B 400 12.89 -8.20 -36.59
N SER B 401 12.36 -9.23 -37.25
CA SER B 401 12.64 -10.62 -36.91
C SER B 401 13.89 -11.11 -37.66
N THR B 402 14.02 -12.43 -37.77
CA THR B 402 15.15 -13.10 -38.41
C THR B 402 15.48 -12.52 -39.79
N VAL B 416 21.39 -7.68 -39.85
CA VAL B 416 21.18 -7.97 -38.44
C VAL B 416 21.87 -6.93 -37.56
N PRO B 417 21.13 -6.38 -36.59
CA PRO B 417 21.67 -5.33 -35.73
C PRO B 417 22.79 -5.87 -34.84
N PRO B 418 23.68 -4.99 -34.35
CA PRO B 418 24.88 -5.48 -33.65
C PRO B 418 24.65 -6.00 -32.23
N ARG B 419 23.97 -5.22 -31.38
CA ARG B 419 23.79 -5.66 -30.00
C ARG B 419 23.02 -6.96 -29.92
N ARG B 420 21.99 -7.11 -30.76
CA ARG B 420 21.27 -8.38 -30.80
C ARG B 420 22.16 -9.51 -31.30
N GLN B 421 23.08 -9.20 -32.21
CA GLN B 421 24.05 -10.20 -32.62
C GLN B 421 24.97 -10.59 -31.47
N LEU B 422 25.22 -9.66 -30.55
CA LEU B 422 25.99 -10.01 -29.37
C LEU B 422 25.22 -10.96 -28.47
N TYR B 423 23.92 -10.73 -28.29
CA TYR B 423 23.13 -11.50 -27.34
C TYR B 423 22.46 -12.73 -27.94
N LEU B 424 22.62 -12.95 -29.24
CA LEU B 424 21.91 -14.05 -29.90
C LEU B 424 22.16 -15.44 -29.32
N PRO B 425 23.38 -15.79 -28.84
CA PRO B 425 23.60 -17.17 -28.38
C PRO B 425 22.78 -17.62 -27.17
N MET B 426 21.97 -16.74 -26.59
CA MET B 426 21.22 -17.11 -25.40
C MET B 426 19.82 -16.52 -25.31
N LEU B 427 19.40 -15.71 -26.29
CA LEU B 427 18.04 -15.20 -26.30
C LEU B 427 17.01 -16.33 -26.27
N PHE B 428 17.33 -17.47 -26.88
CA PHE B 428 16.40 -18.59 -26.85
C PHE B 428 16.28 -19.18 -25.45
N LYS B 429 17.38 -19.20 -24.70
CA LYS B 429 17.27 -19.57 -23.29
C LYS B 429 16.31 -18.66 -22.56
N VAL B 430 16.37 -17.35 -22.83
CA VAL B 430 15.49 -16.41 -22.13
C VAL B 430 14.03 -16.64 -22.55
N ARG B 431 13.80 -16.87 -23.84
CA ARG B 431 12.45 -17.18 -24.31
C ARG B 431 11.91 -18.44 -23.65
N LEU B 432 12.75 -19.47 -23.54
CA LEU B 432 12.31 -20.69 -22.87
C LEU B 432 12.00 -20.42 -21.40
N LEU B 433 12.79 -19.58 -20.74
CA LEU B 433 12.50 -19.22 -19.35
C LEU B 433 11.11 -18.61 -19.23
N MET B 434 10.81 -17.60 -20.05
CA MET B 434 9.51 -16.94 -19.98
C MET B 434 8.38 -17.94 -20.23
N VAL B 435 8.51 -18.75 -21.29
CA VAL B 435 7.45 -19.69 -21.64
C VAL B 435 7.29 -20.74 -20.56
N SER B 436 8.40 -21.15 -19.93
CA SER B 436 8.38 -22.26 -19.00
C SER B 436 7.93 -21.87 -17.60
N ARG B 437 8.09 -20.60 -17.21
CA ARG B 437 7.72 -20.16 -15.86
C ARG B 437 6.65 -19.07 -15.87
N MET B 438 5.83 -19.01 -16.92
CA MET B 438 4.83 -17.95 -17.04
C MET B 438 3.87 -17.98 -15.85
N ALA B 439 3.67 -16.81 -15.24
CA ALA B 439 2.73 -16.68 -14.13
C ALA B 439 1.30 -16.61 -14.64
N LYS B 440 0.34 -16.87 -13.74
CA LYS B 440 -1.05 -16.92 -14.16
C LYS B 440 -1.56 -15.53 -14.51
N PRO B 441 -2.32 -15.40 -15.60
CA PRO B 441 -2.60 -14.06 -16.16
C PRO B 441 -3.49 -13.21 -15.29
N GLU B 442 -4.59 -13.77 -14.81
CA GLU B 442 -5.52 -13.04 -13.96
C GLU B 442 -5.74 -13.81 -12.67
N GLU B 443 -6.29 -13.12 -11.67
CA GLU B 443 -6.41 -13.66 -10.33
C GLU B 443 -7.85 -13.49 -9.85
N ALA B 444 -8.53 -14.61 -9.58
CA ALA B 444 -9.86 -14.60 -9.02
C ALA B 444 -9.82 -15.06 -7.57
N ALA B 445 -10.82 -14.65 -6.80
CA ALA B 445 -10.92 -15.03 -5.40
C ALA B 445 -12.36 -14.89 -4.94
N ALA B 446 -12.76 -15.75 -4.01
CA ALA B 446 -14.09 -15.68 -3.41
C ALA B 446 -14.03 -14.78 -2.17
N VAL B 447 -14.71 -13.64 -2.25
CA VAL B 447 -14.70 -12.63 -1.20
C VAL B 447 -16.12 -12.38 -0.74
N GLU B 448 -16.34 -12.36 0.56
CA GLU B 448 -17.68 -12.18 1.11
C GLU B 448 -17.93 -10.71 1.39
N ASN B 449 -19.12 -10.23 1.01
CA ASN B 449 -19.45 -8.81 1.08
C ASN B 449 -19.83 -8.42 2.50
N ASP B 450 -20.38 -7.21 2.65
CA ASP B 450 -20.89 -6.78 3.95
C ASP B 450 -22.04 -7.68 4.39
N GLN B 451 -22.74 -8.27 3.42
CA GLN B 451 -23.73 -9.30 3.69
C GLN B 451 -23.06 -10.66 3.59
N GLY B 452 -23.84 -11.74 3.60
CA GLY B 452 -23.24 -13.06 3.61
C GLY B 452 -22.69 -13.51 2.27
N GLU B 453 -23.09 -12.82 1.19
CA GLU B 453 -22.80 -13.30 -0.16
C GLU B 453 -21.30 -13.37 -0.40
N VAL B 454 -20.84 -14.54 -0.84
CA VAL B 454 -19.49 -14.71 -1.34
C VAL B 454 -19.53 -14.52 -2.85
N VAL B 455 -18.95 -13.44 -3.34
CA VAL B 455 -18.88 -13.16 -4.77
C VAL B 455 -17.50 -13.49 -5.29
N ARG B 456 -17.42 -13.82 -6.57
CA ARG B 456 -16.15 -14.10 -7.24
C ARG B 456 -15.60 -12.79 -7.77
N GLU B 457 -14.56 -12.30 -7.13
CA GLU B 457 -13.97 -11.02 -7.42
C GLU B 457 -12.62 -11.25 -8.09
N PHE B 458 -12.42 -10.65 -9.26
CA PHE B 458 -11.10 -10.64 -9.88
C PHE B 458 -10.29 -9.51 -9.24
N MET B 459 -9.26 -9.88 -8.47
CA MET B 459 -8.32 -8.88 -7.98
C MET B 459 -7.67 -8.19 -9.16
N LYS B 460 -7.55 -6.86 -9.07
CA LYS B 460 -7.26 -6.07 -10.26
C LYS B 460 -5.80 -5.68 -10.41
N ASP B 461 -5.17 -5.16 -9.35
CA ASP B 461 -3.83 -4.60 -9.47
C ASP B 461 -2.99 -5.11 -8.30
N THR B 462 -2.29 -6.22 -8.51
CA THR B 462 -1.52 -6.87 -7.46
C THR B 462 -0.10 -7.13 -7.94
N ASP B 463 0.74 -7.59 -7.00
CA ASP B 463 2.13 -7.89 -7.33
C ASP B 463 2.22 -9.05 -8.31
N SER B 464 1.36 -10.06 -8.14
CA SER B 464 1.42 -11.22 -9.02
C SER B 464 0.94 -10.87 -10.42
N ILE B 465 -0.06 -9.99 -10.52
CA ILE B 465 -0.54 -9.59 -11.84
C ILE B 465 0.47 -8.72 -12.54
N ASN B 466 1.15 -7.84 -11.78
CA ASN B 466 2.25 -7.08 -12.34
C ASN B 466 3.39 -7.99 -12.79
N LEU B 467 3.63 -9.07 -12.03
CA LEU B 467 4.61 -10.07 -12.43
C LEU B 467 4.24 -10.69 -13.78
N TYR B 468 2.97 -11.07 -13.94
CA TYR B 468 2.52 -11.59 -15.22
C TYR B 468 2.76 -10.58 -16.33
N LYS B 469 2.42 -9.31 -16.08
CA LYS B 469 2.53 -8.31 -17.12
C LYS B 469 3.99 -8.09 -17.52
N ASN B 470 4.92 -8.21 -16.58
CA ASN B 470 6.32 -8.07 -16.93
C ASN B 470 6.83 -9.26 -17.73
N MET B 471 6.46 -10.48 -17.32
CA MET B 471 6.81 -11.65 -18.13
C MET B 471 6.21 -11.53 -19.53
N ARG B 472 4.99 -11.02 -19.63
CA ARG B 472 4.35 -10.85 -20.93
C ARG B 472 5.11 -9.85 -21.79
N GLU B 473 5.48 -8.71 -21.21
CA GLU B 473 6.21 -7.70 -21.96
C GLU B 473 7.54 -8.25 -22.47
N THR B 474 8.27 -8.96 -21.61
CA THR B 474 9.54 -9.55 -22.03
C THR B 474 9.33 -10.54 -23.16
N LEU B 475 8.38 -11.46 -22.99
CA LEU B 475 8.16 -12.48 -24.01
C LEU B 475 7.69 -11.87 -25.32
N VAL B 476 6.92 -10.78 -25.26
CA VAL B 476 6.44 -10.15 -26.49
C VAL B 476 7.58 -9.46 -27.22
N TYR B 477 8.46 -8.77 -26.49
CA TYR B 477 9.67 -8.23 -27.09
C TYR B 477 10.42 -9.32 -27.84
N LEU B 478 10.73 -10.42 -27.14
CA LEU B 478 11.57 -11.46 -27.72
C LEU B 478 10.86 -12.20 -28.84
N THR B 479 9.53 -12.23 -28.81
CA THR B 479 8.77 -12.82 -29.92
C THR B 479 8.86 -11.95 -31.15
N HIS B 480 8.87 -10.62 -30.98
CA HIS B 480 9.15 -9.75 -32.11
C HIS B 480 10.56 -9.94 -32.65
N LEU B 481 11.51 -10.27 -31.77
CA LEU B 481 12.87 -10.50 -32.25
C LEU B 481 12.98 -11.76 -33.09
N ASP B 482 12.08 -12.72 -32.90
CA ASP B 482 12.08 -13.96 -33.66
C ASP B 482 10.79 -14.73 -33.41
N TYR B 483 9.82 -14.60 -34.31
CA TYR B 483 8.57 -15.32 -34.13
C TYR B 483 8.78 -16.83 -34.24
N VAL B 484 9.73 -17.25 -35.08
CA VAL B 484 9.96 -18.67 -35.31
C VAL B 484 10.45 -19.35 -34.03
N ASP B 485 11.34 -18.68 -33.29
CA ASP B 485 11.91 -19.30 -32.09
C ASP B 485 10.87 -19.47 -31.00
N THR B 486 10.02 -18.45 -30.79
CA THR B 486 8.94 -18.58 -29.82
C THR B 486 7.99 -19.69 -30.22
N GLU B 487 7.58 -19.71 -31.50
CA GLU B 487 6.68 -20.76 -31.98
C GLU B 487 7.30 -22.14 -31.82
N ARG B 488 8.61 -22.24 -32.02
CA ARG B 488 9.30 -23.52 -31.91
C ARG B 488 9.32 -24.01 -30.46
N ILE B 489 9.66 -23.13 -29.52
CA ILE B 489 9.66 -23.50 -28.11
C ILE B 489 8.27 -23.97 -27.70
N MET B 490 7.24 -23.25 -28.12
CA MET B 490 5.87 -23.62 -27.73
C MET B 490 5.47 -24.94 -28.37
N THR B 491 5.86 -25.17 -29.63
CA THR B 491 5.55 -26.44 -30.28
C THR B 491 6.20 -27.60 -29.54
N GLU B 492 7.43 -27.40 -29.05
CA GLU B 492 8.12 -28.45 -28.33
C GLU B 492 7.47 -28.73 -26.97
N LYS B 493 7.13 -27.66 -26.22
CA LYS B 493 6.41 -27.85 -24.96
C LYS B 493 5.12 -28.63 -25.19
N LEU B 494 4.40 -28.30 -26.26
CA LEU B 494 3.10 -28.92 -26.48
C LEU B 494 3.24 -30.36 -27.00
N HIS B 495 4.25 -30.61 -27.83
CA HIS B 495 4.57 -32.00 -28.18
C HIS B 495 4.81 -32.81 -26.92
N ASN B 496 5.61 -32.28 -25.99
CA ASN B 496 5.87 -32.97 -24.73
C ASN B 496 4.58 -33.16 -23.92
N GLN B 497 3.61 -32.27 -24.10
CA GLN B 497 2.30 -32.49 -23.50
C GLN B 497 1.59 -33.67 -24.15
N VAL B 498 1.70 -33.81 -25.47
CA VAL B 498 0.92 -34.81 -26.20
C VAL B 498 1.41 -36.21 -25.90
N ASN B 499 2.74 -36.37 -25.85
CA ASN B 499 3.37 -37.70 -25.61
C ASN B 499 3.20 -38.14 -24.14
N GLY B 500 2.79 -37.24 -23.24
CA GLY B 500 2.72 -37.61 -21.85
C GLY B 500 4.00 -37.45 -21.07
N THR B 501 5.07 -36.91 -21.67
CA THR B 501 6.33 -36.76 -20.95
C THR B 501 6.22 -35.68 -19.88
N GLU B 502 5.70 -34.51 -20.23
CA GLU B 502 5.55 -33.40 -19.31
C GLU B 502 4.09 -33.09 -19.03
N TRP B 503 3.22 -34.09 -19.08
CA TRP B 503 1.80 -33.86 -18.93
C TRP B 503 1.43 -33.66 -17.47
N SER B 504 0.91 -32.47 -17.17
CA SER B 504 0.38 -32.12 -15.86
C SER B 504 -0.59 -30.97 -16.07
N TRP B 505 -1.62 -30.92 -15.23
CA TRP B 505 -2.53 -29.77 -15.27
C TRP B 505 -1.75 -28.47 -15.13
N LYS B 506 -0.76 -28.46 -14.23
CA LYS B 506 0.05 -27.27 -14.01
C LYS B 506 0.82 -26.86 -15.27
N ASN B 507 1.48 -27.82 -15.92
CA ASN B 507 2.36 -27.48 -17.05
C ASN B 507 1.56 -27.06 -18.27
N LEU B 508 0.46 -27.75 -18.55
CA LEU B 508 -0.42 -27.32 -19.64
C LEU B 508 -0.96 -25.92 -19.38
N ASN B 509 -1.35 -25.64 -18.13
CA ASN B 509 -1.81 -24.31 -17.79
C ASN B 509 -0.74 -23.26 -18.09
N THR B 510 0.50 -23.52 -17.68
CA THR B 510 1.58 -22.57 -17.88
C THR B 510 1.83 -22.33 -19.36
N LEU B 511 1.89 -23.41 -20.14
CA LEU B 511 2.10 -23.27 -21.58
C LEU B 511 1.01 -22.44 -22.22
N CYS B 512 -0.25 -22.71 -21.87
CA CYS B 512 -1.36 -21.97 -22.47
C CYS B 512 -1.35 -20.51 -22.03
N TRP B 513 -0.93 -20.23 -20.80
CA TRP B 513 -0.81 -18.85 -20.35
C TRP B 513 0.19 -18.09 -21.21
N ALA B 514 1.34 -18.71 -21.50
CA ALA B 514 2.31 -18.09 -22.38
C ALA B 514 1.72 -17.87 -23.77
N ILE B 515 1.06 -18.90 -24.31
CA ILE B 515 0.48 -18.82 -25.65
C ILE B 515 -0.47 -17.63 -25.75
N GLY B 516 -1.30 -17.45 -24.73
CA GLY B 516 -2.16 -16.27 -24.69
C GLY B 516 -1.38 -14.99 -24.49
N SER B 517 -0.27 -15.05 -23.75
CA SER B 517 0.47 -13.85 -23.42
C SER B 517 1.11 -13.20 -24.65
N ILE B 518 1.39 -13.99 -25.70
CA ILE B 518 2.03 -13.42 -26.88
C ILE B 518 1.03 -12.94 -27.91
N SER B 519 -0.23 -12.78 -27.51
CA SER B 519 -1.24 -12.34 -28.46
C SER B 519 -0.93 -10.95 -28.99
N GLY B 520 -1.02 -10.78 -30.29
CA GLY B 520 -0.70 -9.52 -30.94
C GLY B 520 0.75 -9.37 -31.33
N ALA B 521 1.61 -10.32 -30.99
CA ALA B 521 3.04 -10.15 -31.26
C ALA B 521 3.38 -10.48 -32.71
N MET B 522 2.62 -11.39 -33.31
CA MET B 522 2.85 -11.83 -34.68
C MET B 522 1.89 -11.16 -35.65
N HIS B 523 2.27 -11.19 -36.92
CA HIS B 523 1.41 -10.65 -37.97
C HIS B 523 0.18 -11.53 -38.07
N GLU B 524 -0.94 -10.94 -38.50
CA GLU B 524 -2.21 -11.66 -38.44
C GLU B 524 -2.16 -12.98 -39.20
N GLU B 525 -1.42 -13.02 -40.31
CA GLU B 525 -1.32 -14.26 -41.07
C GLU B 525 -0.50 -15.30 -40.31
N ASP B 526 0.69 -14.91 -39.83
CA ASP B 526 1.46 -15.81 -38.97
C ASP B 526 0.65 -16.21 -37.74
N GLU B 527 -0.11 -15.29 -37.18
CA GLU B 527 -0.88 -15.56 -35.98
C GLU B 527 -1.96 -16.59 -36.28
N LYS B 528 -2.59 -16.49 -37.45
CA LYS B 528 -3.62 -17.45 -37.81
C LYS B 528 -3.01 -18.83 -37.99
N ARG B 529 -1.91 -18.91 -38.74
CA ARG B 529 -1.33 -20.22 -38.97
C ARG B 529 -0.92 -20.86 -37.66
N PHE B 530 -0.45 -20.03 -36.72
CA PHE B 530 0.03 -20.57 -35.47
C PHE B 530 -1.13 -21.07 -34.62
N LEU B 531 -2.22 -20.27 -34.57
CA LEU B 531 -3.39 -20.66 -33.80
C LEU B 531 -4.06 -21.91 -34.34
N VAL B 532 -4.11 -22.04 -35.67
CA VAL B 532 -4.70 -23.22 -36.27
C VAL B 532 -4.05 -24.47 -35.71
N THR B 533 -2.71 -24.48 -35.69
CA THR B 533 -1.98 -25.62 -35.17
C THR B 533 -2.24 -25.80 -33.67
N VAL B 534 -2.22 -24.70 -32.92
CA VAL B 534 -2.40 -24.79 -31.47
C VAL B 534 -3.76 -25.39 -31.14
N ILE B 535 -4.82 -24.87 -31.77
CA ILE B 535 -6.16 -25.37 -31.50
C ILE B 535 -6.30 -26.82 -31.94
N LYS B 536 -5.75 -27.16 -33.10
CA LYS B 536 -5.86 -28.53 -33.58
C LYS B 536 -5.18 -29.50 -32.63
N ASP B 537 -3.98 -29.16 -32.17
CA ASP B 537 -3.24 -30.03 -31.26
C ASP B 537 -3.93 -30.13 -29.90
N LEU B 538 -4.48 -29.03 -29.41
CA LEU B 538 -5.19 -29.08 -28.13
C LEU B 538 -6.47 -29.90 -28.25
N LEU B 539 -7.18 -29.77 -29.37
CA LEU B 539 -8.34 -30.63 -29.61
C LEU B 539 -7.91 -32.10 -29.60
N GLY B 540 -6.81 -32.41 -30.27
CA GLY B 540 -6.32 -33.78 -30.29
C GLY B 540 -5.94 -34.28 -28.91
N LEU B 541 -5.30 -33.40 -28.12
CA LEU B 541 -4.94 -33.77 -26.75
C LEU B 541 -6.19 -34.06 -25.94
N CYS B 542 -7.21 -33.22 -26.09
CA CYS B 542 -8.45 -33.46 -25.37
C CYS B 542 -8.93 -34.87 -25.74
N GLU B 543 -9.18 -35.09 -27.03
CA GLU B 543 -9.66 -36.39 -27.50
C GLU B 543 -8.81 -37.52 -26.94
N GLN B 544 -7.52 -37.27 -26.69
CA GLN B 544 -6.62 -38.31 -26.22
C GLN B 544 -6.88 -38.63 -24.75
N LYS B 545 -6.89 -37.62 -23.89
CA LYS B 545 -7.22 -37.84 -22.49
C LYS B 545 -8.71 -38.10 -22.33
N ARG B 546 -9.06 -38.91 -21.32
CA ARG B 546 -10.45 -39.22 -21.04
C ARG B 546 -10.73 -38.94 -19.57
N GLY B 547 -11.98 -38.64 -19.28
CA GLY B 547 -12.45 -38.30 -17.95
C GLY B 547 -12.74 -36.82 -17.85
N LYS B 548 -13.69 -36.47 -16.97
CA LYS B 548 -14.08 -35.08 -16.83
C LYS B 548 -12.97 -34.17 -16.31
N ASP B 549 -12.17 -34.62 -15.34
CA ASP B 549 -11.15 -33.76 -14.78
C ASP B 549 -10.12 -33.33 -15.82
N ASN B 550 -9.67 -34.28 -16.66
CA ASN B 550 -8.71 -33.93 -17.69
C ASN B 550 -9.36 -33.10 -18.78
N LYS B 551 -10.55 -33.49 -19.22
CA LYS B 551 -11.27 -32.75 -20.24
C LYS B 551 -11.64 -31.36 -19.77
N ALA B 552 -11.94 -31.20 -18.48
CA ALA B 552 -12.24 -29.89 -17.93
C ALA B 552 -11.01 -28.96 -17.98
N ILE B 553 -9.85 -29.47 -17.55
CA ILE B 553 -8.64 -28.65 -17.58
C ILE B 553 -8.31 -28.24 -19.02
N ILE B 554 -8.39 -29.19 -19.95
CA ILE B 554 -8.05 -28.92 -21.34
C ILE B 554 -9.06 -27.97 -21.96
N ALA B 555 -10.33 -28.15 -21.60
CA ALA B 555 -11.38 -27.29 -22.13
C ALA B 555 -11.20 -25.86 -21.69
N SER B 556 -10.88 -25.60 -20.41
CA SER B 556 -10.66 -24.20 -20.08
C SER B 556 -9.46 -23.70 -20.85
N ASN B 557 -8.30 -24.37 -20.74
CA ASN B 557 -7.11 -23.84 -21.38
C ASN B 557 -7.47 -23.40 -22.81
N ILE B 558 -8.30 -24.20 -23.49
CA ILE B 558 -8.72 -23.86 -24.85
C ILE B 558 -9.54 -22.59 -24.82
N MET B 559 -10.46 -22.49 -23.86
CA MET B 559 -11.29 -21.30 -23.71
C MET B 559 -10.44 -20.06 -23.46
N TYR B 560 -9.46 -20.19 -22.56
CA TYR B 560 -8.58 -19.06 -22.29
C TYR B 560 -7.85 -18.62 -23.56
N ILE B 561 -7.28 -19.58 -24.29
CA ILE B 561 -6.51 -19.24 -25.48
C ILE B 561 -7.39 -18.57 -26.53
N VAL B 562 -8.61 -19.09 -26.72
CA VAL B 562 -9.49 -18.50 -27.71
C VAL B 562 -9.85 -17.06 -27.34
N GLY B 563 -10.18 -16.84 -26.07
CA GLY B 563 -10.51 -15.51 -25.61
C GLY B 563 -9.38 -14.52 -25.78
N GLN B 564 -8.14 -15.01 -25.69
CA GLN B 564 -6.98 -14.14 -25.78
C GLN B 564 -6.63 -13.72 -27.20
N TYR B 565 -7.36 -14.22 -28.20
CA TYR B 565 -7.06 -13.93 -29.60
C TYR B 565 -8.30 -13.43 -30.31
N PRO B 566 -8.73 -12.20 -30.03
CA PRO B 566 -9.97 -11.71 -30.63
C PRO B 566 -9.83 -11.36 -32.10
N ARG B 567 -8.64 -10.96 -32.56
CA ARG B 567 -8.42 -10.70 -33.97
C ARG B 567 -8.75 -11.92 -34.81
N PHE B 568 -8.25 -13.08 -34.39
CA PHE B 568 -8.55 -14.35 -35.07
C PHE B 568 -10.06 -14.60 -35.11
N LEU B 569 -10.76 -14.35 -34.01
CA LEU B 569 -12.19 -14.60 -33.96
C LEU B 569 -12.96 -13.68 -34.91
N ARG B 570 -12.61 -12.40 -34.92
CA ARG B 570 -13.26 -11.48 -35.86
C ARG B 570 -12.98 -11.87 -37.31
N ALA B 571 -11.82 -12.48 -37.56
CA ALA B 571 -11.46 -12.83 -38.94
C ALA B 571 -12.26 -14.00 -39.47
N HIS B 572 -12.54 -15.00 -38.63
CA HIS B 572 -13.27 -16.21 -39.03
C HIS B 572 -14.62 -16.23 -38.33
N TRP B 573 -15.71 -16.20 -39.11
CA TRP B 573 -17.03 -16.17 -38.50
C TRP B 573 -17.51 -17.52 -37.94
N LYS B 574 -17.47 -18.59 -38.74
CA LYS B 574 -17.95 -19.87 -38.23
C LYS B 574 -17.15 -20.31 -37.02
N PHE B 575 -15.83 -20.19 -37.08
CA PHE B 575 -15.00 -20.57 -35.93
C PHE B 575 -15.60 -19.95 -34.68
N LEU B 576 -15.86 -18.64 -34.76
CA LEU B 576 -16.36 -17.87 -33.64
C LEU B 576 -17.74 -18.35 -33.24
N LYS B 577 -18.61 -18.59 -34.23
CA LYS B 577 -19.96 -19.06 -33.90
C LYS B 577 -19.88 -20.40 -33.19
N THR B 578 -19.04 -21.30 -33.69
CA THR B 578 -18.95 -22.62 -33.08
C THR B 578 -18.40 -22.51 -31.67
N VAL B 579 -17.41 -21.63 -31.45
CA VAL B 579 -16.87 -21.44 -30.11
C VAL B 579 -17.96 -20.96 -29.16
N VAL B 580 -18.77 -20.02 -29.61
CA VAL B 580 -19.83 -19.47 -28.77
C VAL B 580 -20.87 -20.52 -28.47
N ASN B 581 -21.21 -21.34 -29.48
CA ASN B 581 -22.12 -22.46 -29.27
C ASN B 581 -21.57 -23.40 -28.22
N LYS B 582 -20.26 -23.68 -28.23
CA LYS B 582 -19.79 -24.59 -27.20
C LYS B 582 -19.91 -23.91 -25.85
N LEU B 583 -19.47 -22.64 -25.74
CA LEU B 583 -19.50 -22.05 -24.42
C LEU B 583 -20.90 -22.24 -23.84
N PHE B 584 -21.94 -22.00 -24.67
CA PHE B 584 -23.31 -22.21 -24.22
C PHE B 584 -23.51 -23.64 -23.78
N GLU B 585 -22.81 -24.58 -24.43
CA GLU B 585 -22.94 -25.98 -24.03
C GLU B 585 -22.34 -26.13 -22.65
N PHE B 586 -21.12 -25.60 -22.47
CA PHE B 586 -20.41 -25.74 -21.21
C PHE B 586 -21.18 -25.10 -20.07
N MET B 587 -22.06 -24.15 -20.36
CA MET B 587 -22.85 -23.57 -19.28
C MET B 587 -23.84 -24.53 -18.66
N HIS B 588 -23.83 -25.82 -19.06
CA HIS B 588 -24.63 -26.84 -18.40
C HIS B 588 -23.78 -27.89 -17.70
N GLU B 589 -22.46 -27.82 -17.84
CA GLU B 589 -21.56 -28.77 -17.19
C GLU B 589 -21.57 -28.56 -15.68
N THR B 590 -22.03 -29.58 -14.95
CA THR B 590 -22.09 -29.47 -13.50
C THR B 590 -20.70 -29.47 -12.88
N HIS B 591 -19.67 -29.90 -13.61
CA HIS B 591 -18.33 -29.96 -13.04
C HIS B 591 -17.91 -28.56 -12.63
N ASP B 592 -17.24 -28.46 -11.49
CA ASP B 592 -16.85 -27.15 -10.97
C ASP B 592 -15.81 -26.45 -11.84
N GLY B 593 -16.08 -25.18 -12.11
CA GLY B 593 -15.22 -24.29 -12.84
C GLY B 593 -15.45 -24.29 -14.34
N VAL B 594 -16.13 -25.31 -14.88
CA VAL B 594 -16.37 -25.31 -16.32
C VAL B 594 -17.33 -24.17 -16.65
N GLN B 595 -18.38 -24.03 -15.82
CA GLN B 595 -19.39 -23.00 -16.02
C GLN B 595 -18.79 -21.63 -15.80
N ASP B 596 -18.00 -21.47 -14.74
CA ASP B 596 -17.38 -20.17 -14.48
C ASP B 596 -16.49 -19.75 -15.63
N MET B 597 -15.65 -20.66 -16.13
CA MET B 597 -14.76 -20.31 -17.22
C MET B 597 -15.56 -20.03 -18.49
N ALA B 598 -16.64 -20.79 -18.71
CA ALA B 598 -17.52 -20.52 -19.84
C ALA B 598 -18.04 -19.09 -19.82
N CYS B 599 -18.52 -18.65 -18.65
CA CYS B 599 -19.08 -17.30 -18.54
C CYS B 599 -17.99 -16.24 -18.69
N ASP B 600 -16.83 -16.44 -18.06
CA ASP B 600 -15.74 -15.47 -18.18
C ASP B 600 -15.32 -15.31 -19.63
N THR B 601 -15.11 -16.43 -20.32
CA THR B 601 -14.74 -16.37 -21.73
C THR B 601 -15.84 -15.74 -22.56
N PHE B 602 -17.10 -15.99 -22.20
CA PHE B 602 -18.20 -15.40 -22.95
C PHE B 602 -18.17 -13.87 -22.85
N ILE B 603 -17.93 -13.34 -21.66
CA ILE B 603 -17.95 -11.88 -21.52
C ILE B 603 -16.74 -11.27 -22.21
N LYS B 604 -15.58 -11.94 -22.16
CA LYS B 604 -14.40 -11.45 -22.87
C LYS B 604 -14.66 -11.38 -24.37
N ILE B 605 -15.21 -12.45 -24.94
CA ILE B 605 -15.47 -12.50 -26.37
C ILE B 605 -16.55 -11.50 -26.76
N ALA B 606 -17.56 -11.34 -25.91
CA ALA B 606 -18.64 -10.40 -26.21
C ALA B 606 -18.11 -8.97 -26.27
N GLN B 607 -17.29 -8.58 -25.30
CA GLN B 607 -16.73 -7.24 -25.32
C GLN B 607 -15.84 -7.03 -26.54
N LYS B 608 -15.01 -8.02 -26.87
CA LYS B 608 -14.02 -7.83 -27.92
C LYS B 608 -14.60 -8.01 -29.32
N CYS B 609 -15.78 -8.59 -29.47
CA CYS B 609 -16.35 -8.81 -30.79
C CYS B 609 -17.83 -8.45 -30.84
N ARG B 610 -18.23 -7.41 -30.10
CA ARG B 610 -19.64 -7.05 -30.01
C ARG B 610 -20.25 -6.82 -31.39
N ARG B 611 -19.56 -6.06 -32.24
CA ARG B 611 -19.94 -5.85 -33.63
C ARG B 611 -20.49 -7.10 -34.31
N HIS B 612 -19.70 -8.17 -34.28
CA HIS B 612 -20.03 -9.41 -34.99
C HIS B 612 -21.31 -10.08 -34.51
N PHE B 613 -21.94 -9.58 -33.46
CA PHE B 613 -23.22 -10.14 -33.04
C PHE B 613 -24.43 -9.32 -33.48
N VAL B 614 -24.26 -8.08 -33.91
CA VAL B 614 -25.40 -7.22 -34.24
C VAL B 614 -25.58 -7.12 -35.74
N GLN B 615 -24.48 -7.18 -36.49
CA GLN B 615 -24.53 -7.14 -37.94
C GLN B 615 -24.69 -8.54 -38.51
N VAL B 616 -25.35 -8.63 -39.66
CA VAL B 616 -25.66 -9.91 -40.27
C VAL B 616 -24.39 -10.49 -40.89
N GLN B 617 -24.07 -11.72 -40.54
CA GLN B 617 -22.82 -12.33 -40.96
C GLN B 617 -23.00 -13.14 -42.25
N VAL B 618 -21.88 -13.38 -42.93
CA VAL B 618 -21.89 -14.09 -44.21
C VAL B 618 -22.32 -15.54 -43.98
N GLY B 619 -23.37 -15.96 -44.68
CA GLY B 619 -23.94 -17.27 -44.48
C GLY B 619 -24.99 -17.37 -43.40
N GLU B 620 -25.51 -16.24 -42.92
CA GLU B 620 -26.48 -16.20 -41.85
C GLU B 620 -27.69 -15.42 -42.30
N VAL B 621 -28.85 -15.79 -41.74
CA VAL B 621 -30.07 -15.12 -42.15
C VAL B 621 -30.43 -13.96 -41.22
N MET B 622 -30.08 -14.04 -39.95
CA MET B 622 -30.31 -13.00 -38.95
C MET B 622 -29.09 -12.90 -38.04
N PRO B 623 -28.82 -11.72 -37.49
CA PRO B 623 -27.68 -11.57 -36.60
C PRO B 623 -27.79 -12.46 -35.37
N PHE B 624 -26.62 -12.85 -34.86
CA PHE B 624 -26.55 -13.88 -33.83
C PHE B 624 -27.25 -13.44 -32.55
N ILE B 625 -27.30 -12.14 -32.29
CA ILE B 625 -27.90 -11.62 -31.06
C ILE B 625 -29.34 -12.09 -30.94
N ASP B 626 -30.06 -12.18 -32.06
CA ASP B 626 -31.46 -12.57 -32.02
C ASP B 626 -31.60 -14.04 -31.65
N GLU B 627 -30.71 -14.89 -32.15
CA GLU B 627 -30.68 -16.29 -31.73
C GLU B 627 -30.42 -16.40 -30.24
N ILE B 628 -29.41 -15.67 -29.74
CA ILE B 628 -29.06 -15.73 -28.33
C ILE B 628 -30.24 -15.28 -27.47
N LEU B 629 -30.90 -14.19 -27.88
CA LEU B 629 -32.01 -13.66 -27.10
C LEU B 629 -33.21 -14.59 -27.11
N ASN B 630 -33.42 -15.29 -28.23
CA ASN B 630 -34.46 -16.30 -28.31
C ASN B 630 -34.16 -17.51 -27.47
N ASN B 631 -32.89 -17.72 -27.08
CA ASN B 631 -32.51 -18.91 -26.34
C ASN B 631 -31.95 -18.64 -24.93
N ILE B 632 -32.08 -17.41 -24.42
CA ILE B 632 -31.59 -17.10 -23.07
C ILE B 632 -32.03 -18.15 -22.05
N ASN B 633 -33.34 -18.45 -22.03
CA ASN B 633 -33.85 -19.39 -21.03
C ASN B 633 -33.30 -20.79 -21.19
N THR B 634 -32.96 -21.17 -22.43
CA THR B 634 -32.32 -22.46 -22.65
C THR B 634 -30.87 -22.45 -22.19
N ILE B 635 -30.21 -21.29 -22.24
CA ILE B 635 -28.78 -21.24 -21.99
C ILE B 635 -28.49 -21.14 -20.49
N ILE B 636 -29.34 -20.46 -19.73
CA ILE B 636 -28.99 -20.08 -18.36
C ILE B 636 -29.72 -20.90 -17.32
N CYS B 637 -30.36 -22.00 -17.71
CA CYS B 637 -31.19 -22.71 -16.74
C CYS B 637 -30.36 -23.43 -15.69
N ASP B 638 -29.13 -23.80 -16.03
CA ASP B 638 -28.26 -24.55 -15.13
C ASP B 638 -27.18 -23.71 -14.47
N LEU B 639 -27.11 -22.42 -14.78
CA LEU B 639 -26.11 -21.57 -14.16
C LEU B 639 -26.54 -21.16 -12.76
N GLN B 640 -25.54 -20.91 -11.91
CA GLN B 640 -25.74 -20.31 -10.60
C GLN B 640 -25.97 -18.81 -10.77
N PRO B 641 -26.66 -18.16 -9.82
CA PRO B 641 -27.00 -16.73 -9.99
C PRO B 641 -25.88 -15.82 -10.45
N GLN B 642 -24.71 -15.87 -9.81
CA GLN B 642 -23.61 -14.99 -10.22
C GLN B 642 -23.27 -15.18 -11.69
N GLN B 643 -23.27 -16.44 -12.15
CA GLN B 643 -22.94 -16.74 -13.53
C GLN B 643 -24.01 -16.19 -14.47
N VAL B 644 -25.28 -16.20 -14.05
CA VAL B 644 -26.34 -15.60 -14.85
C VAL B 644 -26.12 -14.09 -14.98
N HIS B 645 -25.71 -13.45 -13.88
CA HIS B 645 -25.40 -12.03 -13.94
C HIS B 645 -24.31 -11.75 -14.98
N THR B 646 -23.23 -12.53 -14.92
CA THR B 646 -22.16 -12.40 -15.90
C THR B 646 -22.69 -12.57 -17.32
N PHE B 647 -23.55 -13.56 -17.52
CA PHE B 647 -24.14 -13.80 -18.84
C PHE B 647 -24.88 -12.56 -19.34
N TYR B 648 -25.73 -11.97 -18.48
CA TYR B 648 -26.55 -10.87 -18.94
C TYR B 648 -25.70 -9.65 -19.26
N GLU B 649 -24.62 -9.45 -18.50
CA GLU B 649 -23.69 -8.38 -18.85
C GLU B 649 -23.08 -8.62 -20.22
N ALA B 650 -22.67 -9.86 -20.49
CA ALA B 650 -22.06 -10.18 -21.78
C ALA B 650 -23.02 -9.89 -22.94
N VAL B 651 -24.29 -10.22 -22.76
CA VAL B 651 -25.26 -9.94 -23.81
C VAL B 651 -25.50 -8.46 -23.93
N GLY B 652 -25.49 -7.74 -22.80
CA GLY B 652 -25.70 -6.31 -22.84
C GLY B 652 -24.67 -5.57 -23.67
N TYR B 653 -23.43 -6.04 -23.68
CA TYR B 653 -22.43 -5.43 -24.55
C TYR B 653 -22.86 -5.54 -26.01
N MET B 654 -23.30 -6.73 -26.43
CA MET B 654 -23.77 -6.91 -27.79
C MET B 654 -24.91 -5.95 -28.11
N ILE B 655 -25.89 -5.85 -27.21
CA ILE B 655 -27.02 -4.96 -27.42
C ILE B 655 -26.53 -3.52 -27.56
N GLY B 656 -25.57 -3.13 -26.74
CA GLY B 656 -25.06 -1.77 -26.84
C GLY B 656 -24.37 -1.50 -28.16
N ALA B 657 -23.88 -2.54 -28.84
CA ALA B 657 -23.24 -2.35 -30.12
C ALA B 657 -24.21 -1.94 -31.22
N GLN B 658 -25.51 -2.18 -31.04
CA GLN B 658 -26.49 -1.89 -32.08
C GLN B 658 -26.85 -0.41 -32.06
N THR B 659 -26.71 0.26 -33.20
CA THR B 659 -26.80 1.71 -33.26
C THR B 659 -28.19 2.25 -33.54
N ASP B 660 -29.02 1.52 -34.28
CA ASP B 660 -30.36 2.02 -34.59
C ASP B 660 -31.22 1.96 -33.34
N GLN B 661 -31.71 3.14 -32.90
CA GLN B 661 -32.31 3.25 -31.57
C GLN B 661 -33.51 2.33 -31.41
N THR B 662 -34.32 2.18 -32.46
CA THR B 662 -35.55 1.40 -32.35
C THR B 662 -35.27 -0.09 -32.26
N VAL B 663 -34.39 -0.60 -33.13
CA VAL B 663 -33.97 -1.99 -33.03
C VAL B 663 -33.35 -2.28 -31.68
N GLN B 664 -32.57 -1.32 -31.17
CA GLN B 664 -31.95 -1.49 -29.85
C GLN B 664 -33.00 -1.53 -28.75
N GLU B 665 -34.06 -0.72 -28.86
CA GLU B 665 -35.14 -0.77 -27.89
C GLU B 665 -35.79 -2.15 -27.89
N HIS B 666 -36.09 -2.70 -29.07
CA HIS B 666 -36.73 -4.00 -29.15
C HIS B 666 -35.80 -5.10 -28.61
N LEU B 667 -34.50 -4.98 -28.91
CA LEU B 667 -33.53 -5.91 -28.36
C LEU B 667 -33.52 -5.86 -26.83
N ILE B 668 -33.55 -4.65 -26.26
CA ILE B 668 -33.57 -4.50 -24.81
C ILE B 668 -34.83 -5.11 -24.22
N GLU B 669 -35.96 -4.95 -24.91
CA GLU B 669 -37.22 -5.46 -24.39
C GLU B 669 -37.21 -7.00 -24.33
N LYS B 670 -36.78 -7.65 -25.40
CA LYS B 670 -36.65 -9.11 -25.37
C LYS B 670 -35.54 -9.53 -24.41
N TYR B 671 -34.53 -8.68 -24.24
CA TYR B 671 -33.37 -8.99 -23.41
C TYR B 671 -33.77 -9.12 -21.95
N MET B 672 -34.60 -8.20 -21.46
CA MET B 672 -35.06 -8.17 -20.09
C MET B 672 -36.39 -8.88 -19.89
N LEU B 673 -36.75 -9.78 -20.80
CA LEU B 673 -38.04 -10.45 -20.73
C LEU B 673 -38.13 -11.34 -19.49
N LEU B 674 -37.17 -12.25 -19.34
CA LEU B 674 -37.23 -13.23 -18.27
C LEU B 674 -37.16 -12.63 -16.88
N PRO B 675 -36.24 -11.70 -16.57
CA PRO B 675 -36.27 -11.08 -15.23
C PRO B 675 -37.52 -10.26 -14.99
N ASN B 676 -38.01 -9.56 -16.02
CA ASN B 676 -39.21 -8.75 -15.85
C ASN B 676 -40.44 -9.62 -15.54
N GLN B 677 -40.47 -10.85 -16.02
CA GLN B 677 -41.58 -11.75 -15.70
C GLN B 677 -41.66 -11.99 -14.20
N VAL B 678 -40.56 -12.45 -13.60
CA VAL B 678 -40.54 -12.70 -12.16
C VAL B 678 -40.77 -11.41 -11.39
N TRP B 679 -40.21 -10.31 -11.90
CA TRP B 679 -40.38 -9.02 -11.23
C TRP B 679 -41.84 -8.62 -11.18
N ASP B 680 -42.55 -8.76 -12.31
CA ASP B 680 -43.97 -8.38 -12.33
C ASP B 680 -44.81 -9.32 -11.49
N SER B 681 -44.49 -10.62 -11.49
CA SER B 681 -45.15 -11.56 -10.61
C SER B 681 -45.04 -11.11 -9.16
N ILE B 682 -43.84 -10.75 -8.73
CA ILE B 682 -43.61 -10.38 -7.34
C ILE B 682 -44.30 -9.05 -7.01
N ILE B 683 -44.25 -8.09 -7.93
CA ILE B 683 -44.93 -6.82 -7.70
C ILE B 683 -46.44 -7.04 -7.54
N GLN B 684 -47.00 -7.93 -8.36
CA GLN B 684 -48.44 -8.19 -8.27
C GLN B 684 -48.79 -8.88 -6.96
N GLN B 685 -48.02 -9.90 -6.58
CA GLN B 685 -48.26 -10.56 -5.30
C GLN B 685 -48.17 -9.58 -4.14
N ALA B 686 -47.22 -8.65 -4.22
CA ALA B 686 -47.08 -7.65 -3.16
C ALA B 686 -48.29 -6.73 -3.12
N THR B 687 -48.79 -6.33 -4.29
CA THR B 687 -50.02 -5.54 -4.34
C THR B 687 -51.17 -6.30 -3.68
N LYS B 688 -51.23 -7.62 -3.90
CA LYS B 688 -52.28 -8.42 -3.26
C LYS B 688 -52.01 -8.62 -1.78
N ASN B 689 -50.74 -8.69 -1.37
CA ASN B 689 -50.39 -8.90 0.03
C ASN B 689 -48.92 -8.56 0.20
N VAL B 690 -48.62 -7.63 1.12
CA VAL B 690 -47.26 -7.14 1.27
C VAL B 690 -46.37 -8.13 2.01
N ASP B 691 -46.95 -9.08 2.73
CA ASP B 691 -46.15 -9.93 3.60
C ASP B 691 -45.25 -10.90 2.83
N ILE B 692 -45.45 -11.06 1.53
CA ILE B 692 -44.50 -11.85 0.75
C ILE B 692 -43.16 -11.15 0.64
N LEU B 693 -43.10 -9.85 0.91
CA LEU B 693 -41.83 -9.16 1.04
C LEU B 693 -41.12 -9.45 2.36
N LYS B 694 -41.67 -10.34 3.18
CA LYS B 694 -40.95 -10.93 4.30
C LYS B 694 -40.63 -12.40 4.07
N ASP B 695 -40.93 -12.93 2.88
CA ASP B 695 -40.59 -14.30 2.55
C ASP B 695 -39.12 -14.36 2.10
N PRO B 696 -38.33 -15.27 2.65
CA PRO B 696 -36.89 -15.27 2.32
C PRO B 696 -36.60 -15.44 0.83
N GLU B 697 -37.19 -16.46 0.19
CA GLU B 697 -36.86 -16.72 -1.20
C GLU B 697 -37.36 -15.60 -2.11
N THR B 698 -38.45 -14.94 -1.73
CA THR B 698 -38.94 -13.81 -2.51
C THR B 698 -37.91 -12.67 -2.52
N VAL B 699 -37.33 -12.37 -1.35
CA VAL B 699 -36.35 -11.31 -1.26
C VAL B 699 -35.05 -11.71 -1.97
N LYS B 700 -34.68 -12.99 -1.86
CA LYS B 700 -33.52 -13.47 -2.61
C LYS B 700 -33.72 -13.26 -4.10
N GLN B 701 -34.90 -13.60 -4.61
CA GLN B 701 -35.19 -13.42 -6.03
C GLN B 701 -35.18 -11.94 -6.42
N LEU B 702 -35.74 -11.08 -5.57
CA LEU B 702 -35.72 -9.65 -5.86
C LEU B 702 -34.29 -9.13 -5.96
N GLY B 703 -33.43 -9.54 -5.03
CA GLY B 703 -32.04 -9.12 -5.08
C GLY B 703 -31.33 -9.61 -6.33
N SER B 704 -31.60 -10.86 -6.72
CA SER B 704 -30.99 -11.41 -7.92
C SER B 704 -31.45 -10.67 -9.17
N ILE B 705 -32.76 -10.38 -9.24
CA ILE B 705 -33.28 -9.62 -10.39
C ILE B 705 -32.61 -8.26 -10.47
N LEU B 706 -32.46 -7.59 -9.33
CA LEU B 706 -31.85 -6.27 -9.33
C LEU B 706 -30.38 -6.33 -9.72
N LYS B 707 -29.66 -7.36 -9.27
CA LYS B 707 -28.29 -7.55 -9.73
C LYS B 707 -28.24 -7.71 -11.24
N THR B 708 -29.16 -8.49 -11.80
CA THR B 708 -29.22 -8.66 -13.25
C THR B 708 -29.42 -7.33 -13.95
N ASN B 709 -30.34 -6.52 -13.45
CA ASN B 709 -30.56 -5.20 -14.02
C ASN B 709 -29.31 -4.34 -13.93
N VAL B 710 -28.56 -4.46 -12.82
CA VAL B 710 -27.37 -3.63 -12.64
C VAL B 710 -26.31 -3.98 -13.69
N ARG B 711 -26.06 -5.28 -13.87
CA ARG B 711 -25.09 -5.71 -14.88
C ARG B 711 -25.52 -5.30 -16.27
N ALA B 712 -26.80 -5.54 -16.60
CA ALA B 712 -27.33 -5.13 -17.90
C ALA B 712 -27.16 -3.64 -18.12
N CYS B 713 -27.35 -2.84 -17.07
CA CYS B 713 -27.20 -1.40 -17.21
C CYS B 713 -25.75 -1.01 -17.44
N LYS B 714 -24.82 -1.64 -16.72
CA LYS B 714 -23.40 -1.36 -16.95
C LYS B 714 -23.02 -1.61 -18.40
N ALA B 715 -23.52 -2.71 -18.98
CA ALA B 715 -23.14 -3.06 -20.34
C ALA B 715 -23.83 -2.16 -21.36
N VAL B 716 -25.15 -2.01 -21.23
CA VAL B 716 -25.93 -1.32 -22.27
C VAL B 716 -25.67 0.19 -22.25
N GLY B 717 -25.62 0.79 -21.06
CA GLY B 717 -25.37 2.22 -20.97
C GLY B 717 -26.65 3.03 -20.93
N HIS B 718 -26.61 4.22 -21.54
CA HIS B 718 -27.78 5.11 -21.49
C HIS B 718 -29.05 4.48 -22.02
N PRO B 719 -29.07 3.84 -23.21
CA PRO B 719 -30.35 3.32 -23.72
C PRO B 719 -31.04 2.33 -22.79
N PHE B 720 -30.37 1.90 -21.72
CA PHE B 720 -31.02 1.05 -20.72
C PHE B 720 -32.17 1.76 -20.02
N VAL B 721 -32.32 3.07 -20.23
CA VAL B 721 -33.36 3.84 -19.55
C VAL B 721 -34.73 3.21 -19.76
N ILE B 722 -34.98 2.69 -20.97
CA ILE B 722 -36.27 2.10 -21.28
C ILE B 722 -36.61 0.99 -20.28
N GLN B 723 -35.62 0.19 -19.90
CA GLN B 723 -35.86 -0.81 -18.88
C GLN B 723 -35.99 -0.19 -17.51
N LEU B 724 -35.09 0.75 -17.19
CA LEU B 724 -35.10 1.38 -15.87
C LEU B 724 -36.46 2.01 -15.58
N GLY B 725 -36.88 2.94 -16.43
CA GLY B 725 -38.19 3.56 -16.24
C GLY B 725 -39.32 2.58 -16.14
N ARG B 726 -39.18 1.39 -16.74
CA ARG B 726 -40.24 0.40 -16.69
C ARG B 726 -40.46 -0.11 -15.27
N ILE B 727 -39.38 -0.29 -14.51
CA ILE B 727 -39.49 -0.83 -13.16
C ILE B 727 -39.33 0.25 -12.10
N TYR B 728 -38.77 1.40 -12.44
CA TYR B 728 -38.33 2.44 -11.51
C TYR B 728 -39.25 2.61 -10.31
N LEU B 729 -40.47 3.12 -10.55
CA LEU B 729 -41.40 3.36 -9.46
C LEU B 729 -41.61 2.11 -8.62
N ASP B 730 -41.98 0.99 -9.26
CA ASP B 730 -42.10 -0.28 -8.56
C ASP B 730 -40.89 -0.52 -7.68
N MET B 731 -39.69 -0.45 -8.27
CA MET B 731 -38.45 -0.63 -7.52
C MET B 731 -38.41 0.25 -6.28
N LEU B 732 -38.59 1.57 -6.48
CA LEU B 732 -38.56 2.48 -5.33
C LEU B 732 -39.53 2.02 -4.26
N ASN B 733 -40.75 1.63 -4.68
CA ASN B 733 -41.76 1.14 -3.74
C ASN B 733 -41.16 0.05 -2.87
N VAL B 734 -40.64 -1.03 -3.49
CA VAL B 734 -40.16 -2.15 -2.68
C VAL B 734 -39.04 -1.69 -1.77
N TYR B 735 -38.15 -0.83 -2.28
CA TYR B 735 -37.10 -0.24 -1.45
C TYR B 735 -37.70 0.32 -0.17
N LYS B 736 -38.61 1.28 -0.33
CA LYS B 736 -39.29 1.88 0.82
C LYS B 736 -39.75 0.80 1.79
N CYS B 737 -40.56 -0.15 1.29
CA CYS B 737 -41.12 -1.18 2.17
C CYS B 737 -40.02 -1.92 2.91
N LEU B 738 -39.04 -2.44 2.16
CA LEU B 738 -37.96 -3.20 2.79
C LEU B 738 -37.23 -2.33 3.80
N SER B 739 -36.94 -1.08 3.44
CA SER B 739 -36.31 -0.15 4.37
C SER B 739 -37.09 -0.14 5.68
N GLU B 740 -38.38 0.16 5.61
CA GLU B 740 -39.20 0.22 6.81
C GLU B 740 -39.10 -1.07 7.60
N ASN B 741 -39.22 -2.21 6.91
CA ASN B 741 -39.08 -3.51 7.57
C ASN B 741 -37.81 -3.54 8.42
N ILE B 742 -36.66 -3.31 7.78
CA ILE B 742 -35.38 -3.36 8.49
C ILE B 742 -35.41 -2.43 9.69
N SER B 743 -35.88 -1.19 9.47
CA SER B 743 -35.95 -0.22 10.56
C SER B 743 -36.72 -0.79 11.74
N ALA B 744 -37.95 -1.29 11.48
CA ALA B 744 -38.74 -1.85 12.55
C ALA B 744 -38.03 -3.05 13.18
N ALA B 745 -37.40 -3.88 12.34
CA ALA B 745 -36.70 -5.05 12.86
C ALA B 745 -35.58 -4.64 13.80
N ILE B 746 -35.00 -3.46 13.61
CA ILE B 746 -34.04 -2.94 14.58
C ILE B 746 -34.75 -2.61 15.88
N GLN B 747 -35.82 -1.81 15.80
CA GLN B 747 -36.48 -1.30 17.01
C GLN B 747 -37.00 -2.43 17.88
N ALA B 748 -37.32 -3.58 17.28
CA ALA B 748 -37.81 -4.70 18.07
C ALA B 748 -36.69 -5.44 18.78
N ASN B 749 -35.53 -5.59 18.12
CA ASN B 749 -34.46 -6.44 18.63
C ASN B 749 -33.09 -5.80 18.57
N GLY B 750 -33.01 -4.50 18.32
CA GLY B 750 -31.74 -3.81 18.46
C GLY B 750 -30.79 -4.09 17.30
N GLU B 751 -29.50 -4.08 17.61
CA GLU B 751 -28.47 -4.19 16.59
C GLU B 751 -28.32 -5.62 16.10
N MET B 752 -28.40 -6.60 17.02
CA MET B 752 -28.26 -8.01 16.69
C MET B 752 -28.97 -8.39 15.39
N VAL B 753 -30.22 -7.95 15.24
CA VAL B 753 -31.07 -8.35 14.13
C VAL B 753 -30.46 -8.04 12.77
N THR B 754 -29.44 -7.18 12.70
CA THR B 754 -28.84 -6.87 11.41
C THR B 754 -27.93 -7.98 10.88
N LYS B 755 -27.80 -9.10 11.59
CA LYS B 755 -26.99 -10.21 11.13
C LYS B 755 -27.80 -11.38 10.61
N GLN B 756 -29.13 -11.38 10.80
CA GLN B 756 -29.94 -12.50 10.36
C GLN B 756 -30.00 -12.55 8.83
N PRO B 757 -30.14 -13.74 8.25
CA PRO B 757 -30.18 -13.83 6.78
C PRO B 757 -31.25 -12.97 6.11
N LEU B 758 -32.43 -12.82 6.72
CA LEU B 758 -33.51 -12.14 6.03
C LEU B 758 -33.25 -10.63 5.93
N ILE B 759 -32.98 -9.99 7.07
CA ILE B 759 -32.57 -8.59 7.08
C ILE B 759 -31.39 -8.38 6.15
N ARG B 760 -30.52 -9.37 6.07
CA ARG B 760 -29.34 -9.31 5.22
C ARG B 760 -29.72 -9.20 3.75
N SER B 761 -30.60 -10.09 3.28
CA SER B 761 -31.03 -10.03 1.88
C SER B 761 -31.86 -8.79 1.59
N MET B 762 -32.60 -8.28 2.58
CA MET B 762 -33.33 -7.03 2.38
C MET B 762 -32.36 -5.87 2.16
N ARG B 763 -31.32 -5.80 2.99
CA ARG B 763 -30.30 -4.78 2.77
C ARG B 763 -29.63 -4.94 1.42
N THR B 764 -29.46 -6.18 0.97
CA THR B 764 -28.93 -6.42 -0.38
C THR B 764 -29.83 -5.78 -1.43
N VAL B 765 -31.15 -5.96 -1.31
CA VAL B 765 -32.07 -5.34 -2.27
C VAL B 765 -31.90 -3.83 -2.28
N LYS B 766 -31.88 -3.22 -1.09
CA LYS B 766 -31.69 -1.78 -0.99
C LYS B 766 -30.42 -1.33 -1.69
N ARG B 767 -29.31 -2.04 -1.45
CA ARG B 767 -28.03 -1.65 -2.01
C ARG B 767 -28.00 -1.79 -3.53
N GLU B 768 -28.60 -2.87 -4.06
CA GLU B 768 -28.64 -3.04 -5.51
C GLU B 768 -29.56 -2.03 -6.17
N THR B 769 -30.63 -1.62 -5.47
CA THR B 769 -31.48 -0.55 -5.98
C THR B 769 -30.69 0.73 -6.14
N LEU B 770 -29.97 1.14 -5.09
CA LEU B 770 -29.13 2.32 -5.17
C LEU B 770 -28.06 2.16 -6.25
N LYS B 771 -27.48 0.97 -6.37
CA LYS B 771 -26.45 0.74 -7.38
C LYS B 771 -27.01 0.96 -8.79
N LEU B 772 -28.17 0.38 -9.07
CA LEU B 772 -28.77 0.52 -10.38
C LEU B 772 -29.08 1.98 -10.69
N ILE B 773 -29.67 2.70 -9.73
CA ILE B 773 -30.02 4.11 -9.95
C ILE B 773 -28.78 4.92 -10.28
N SER B 774 -27.77 4.89 -9.41
CA SER B 774 -26.59 5.70 -9.62
C SER B 774 -25.79 5.22 -10.82
N GLY B 775 -25.86 3.93 -11.13
CA GLY B 775 -25.10 3.42 -12.26
C GLY B 775 -25.68 3.86 -13.60
N TRP B 776 -27.01 3.88 -13.72
CA TRP B 776 -27.59 4.44 -14.92
C TRP B 776 -27.37 5.95 -15.00
N VAL B 777 -27.49 6.64 -13.87
CA VAL B 777 -27.31 8.09 -13.88
C VAL B 777 -25.88 8.44 -14.28
N SER B 778 -24.92 7.61 -13.88
CA SER B 778 -23.52 7.85 -14.24
C SER B 778 -23.31 7.81 -15.74
N ARG B 779 -24.11 7.01 -16.45
CA ARG B 779 -23.92 6.78 -17.88
C ARG B 779 -25.07 7.36 -18.70
N SER B 780 -25.70 8.41 -18.20
CA SER B 780 -26.85 9.03 -18.86
C SER B 780 -26.41 10.32 -19.53
N ASN B 781 -26.70 10.45 -20.81
CA ASN B 781 -26.32 11.65 -21.58
C ASN B 781 -27.52 12.56 -21.81
N ASP B 782 -28.26 12.85 -20.75
CA ASP B 782 -29.35 13.81 -20.79
C ASP B 782 -29.69 14.26 -19.37
N PRO B 783 -29.03 15.30 -18.86
CA PRO B 783 -29.30 15.72 -17.48
C PRO B 783 -30.70 16.25 -17.30
N GLN B 784 -31.26 16.88 -18.34
CA GLN B 784 -32.62 17.40 -18.29
C GLN B 784 -33.61 16.31 -17.91
N MET B 785 -33.65 15.23 -18.70
CA MET B 785 -34.61 14.16 -18.45
C MET B 785 -34.37 13.52 -17.09
N VAL B 786 -33.12 13.28 -16.72
CA VAL B 786 -32.83 12.68 -15.43
C VAL B 786 -33.42 13.54 -14.33
N ALA B 787 -33.10 14.83 -14.34
CA ALA B 787 -33.53 15.74 -13.28
C ALA B 787 -35.06 15.79 -13.18
N GLU B 788 -35.76 15.86 -14.31
CA GLU B 788 -37.21 16.03 -14.23
C GLU B 788 -37.96 14.71 -14.02
N ASN B 789 -37.42 13.60 -14.50
CA ASN B 789 -38.12 12.32 -14.45
C ASN B 789 -37.70 11.44 -13.27
N PHE B 790 -36.39 11.16 -13.15
CA PHE B 790 -35.92 10.11 -12.25
C PHE B 790 -35.59 10.61 -10.85
N VAL B 791 -35.28 11.89 -10.68
CA VAL B 791 -34.85 12.39 -9.38
C VAL B 791 -36.00 12.58 -8.39
N PRO B 792 -37.11 13.22 -8.77
CA PRO B 792 -38.16 13.57 -7.79
C PRO B 792 -38.66 12.37 -7.01
N PRO B 793 -38.85 11.20 -7.62
CA PRO B 793 -39.28 10.05 -6.81
C PRO B 793 -38.30 9.66 -5.71
N LEU B 794 -37.01 9.91 -5.92
CA LEU B 794 -36.02 9.61 -4.89
C LEU B 794 -36.27 10.41 -3.62
N LEU B 795 -36.73 11.66 -3.77
CA LEU B 795 -36.83 12.56 -2.62
C LEU B 795 -37.70 11.98 -1.51
N ASP B 796 -38.85 11.43 -1.86
CA ASP B 796 -39.69 10.82 -0.83
C ASP B 796 -39.41 9.32 -0.68
N ALA B 797 -39.01 8.65 -1.75
CA ALA B 797 -38.89 7.19 -1.71
C ALA B 797 -37.68 6.76 -0.91
N VAL B 798 -36.59 7.52 -1.00
CA VAL B 798 -35.30 7.13 -0.43
C VAL B 798 -34.81 8.14 0.59
N LEU B 799 -34.86 9.44 0.24
CA LEU B 799 -34.20 10.45 1.07
C LEU B 799 -34.98 10.69 2.36
N ILE B 800 -36.26 11.06 2.26
CA ILE B 800 -37.06 11.23 3.47
C ILE B 800 -37.22 9.90 4.19
N ASP B 801 -37.20 8.79 3.44
CA ASP B 801 -37.16 7.47 4.06
C ASP B 801 -35.89 7.29 4.88
N TYR B 802 -34.75 7.73 4.33
CA TYR B 802 -33.49 7.71 5.07
C TYR B 802 -33.60 8.52 6.35
N GLN B 803 -34.21 9.70 6.27
CA GLN B 803 -34.39 10.53 7.46
C GLN B 803 -35.30 9.84 8.47
N ARG B 804 -36.31 9.13 7.97
CA ARG B 804 -37.30 8.49 8.83
C ARG B 804 -36.77 7.21 9.47
N ASN B 805 -35.72 6.62 8.92
CA ASN B 805 -35.14 5.41 9.48
C ASN B 805 -34.51 5.67 10.84
N VAL B 806 -34.36 4.59 11.61
CA VAL B 806 -33.60 4.60 12.85
C VAL B 806 -32.13 4.74 12.46
N PRO B 807 -31.28 5.41 13.27
CA PRO B 807 -29.87 5.54 12.95
C PRO B 807 -29.19 4.29 12.40
N ALA B 808 -29.34 3.16 13.10
CA ALA B 808 -28.66 1.95 12.65
C ALA B 808 -29.21 1.41 11.34
N ALA B 809 -30.43 1.81 10.97
CA ALA B 809 -31.05 1.33 9.74
C ALA B 809 -30.72 2.19 8.53
N ARG B 810 -30.23 3.41 8.74
CA ARG B 810 -29.89 4.29 7.63
C ARG B 810 -28.81 3.66 6.77
N GLU B 811 -29.07 3.57 5.46
CA GLU B 811 -28.13 2.99 4.52
C GLU B 811 -27.14 4.06 4.06
N PRO B 812 -25.86 3.97 4.41
CA PRO B 812 -24.91 5.01 3.99
C PRO B 812 -24.86 5.20 2.51
N GLU B 813 -25.03 4.12 1.75
CA GLU B 813 -24.98 4.15 0.30
C GLU B 813 -26.00 5.11 -0.30
N VAL B 814 -26.96 5.59 0.48
CA VAL B 814 -27.82 6.68 0.00
C VAL B 814 -26.97 7.91 -0.34
N LEU B 815 -26.24 8.41 0.64
CA LEU B 815 -25.46 9.64 0.48
C LEU B 815 -24.60 9.56 -0.77
N SER B 816 -23.77 8.50 -0.85
CA SER B 816 -22.87 8.32 -1.98
C SER B 816 -23.62 8.35 -3.31
N THR B 817 -24.75 7.63 -3.40
CA THR B 817 -25.50 7.63 -4.65
C THR B 817 -25.94 9.05 -5.01
N MET B 818 -26.49 9.78 -4.02
CA MET B 818 -26.81 11.19 -4.24
C MET B 818 -25.60 11.97 -4.74
N ALA B 819 -24.45 11.75 -4.10
CA ALA B 819 -23.19 12.35 -4.57
C ALA B 819 -23.02 12.13 -6.07
N ILE B 820 -23.08 10.86 -6.51
CA ILE B 820 -22.93 10.54 -7.93
C ILE B 820 -23.90 11.38 -8.76
N ILE B 821 -25.17 11.36 -8.36
CA ILE B 821 -26.21 12.12 -9.07
C ILE B 821 -25.79 13.57 -9.21
N VAL B 822 -25.41 14.20 -8.08
CA VAL B 822 -24.97 15.59 -8.11
C VAL B 822 -23.83 15.76 -9.11
N ASN B 823 -22.81 14.90 -9.00
CA ASN B 823 -21.63 15.01 -9.86
C ASN B 823 -22.00 14.96 -11.34
N LYS B 824 -23.06 14.25 -11.69
CA LYS B 824 -23.50 14.08 -13.07
C LYS B 824 -24.47 15.17 -13.51
N LEU B 825 -25.39 15.54 -12.62
CA LEU B 825 -26.39 16.56 -12.90
C LEU B 825 -25.81 17.98 -12.93
N GLY B 826 -24.87 18.28 -12.05
CA GLY B 826 -24.36 19.64 -12.04
C GLY B 826 -25.47 20.61 -11.73
N GLY B 827 -25.63 21.64 -12.56
CA GLY B 827 -26.68 22.63 -12.30
C GLY B 827 -28.09 22.06 -12.30
N HIS B 828 -28.40 21.15 -13.22
CA HIS B 828 -29.75 20.60 -13.32
C HIS B 828 -30.33 20.09 -11.99
N ILE B 829 -29.54 20.16 -10.91
CA ILE B 829 -29.96 19.66 -9.61
C ILE B 829 -29.68 20.64 -8.49
N THR B 830 -29.14 21.83 -8.78
CA THR B 830 -28.91 22.85 -7.75
C THR B 830 -30.18 23.16 -6.97
N ALA B 831 -31.29 23.36 -7.70
CA ALA B 831 -32.54 23.79 -7.09
C ALA B 831 -33.02 22.80 -6.04
N GLU B 832 -32.63 21.54 -6.14
CA GLU B 832 -33.11 20.51 -5.23
C GLU B 832 -32.17 20.24 -4.07
N ILE B 833 -31.03 20.95 -4.00
CA ILE B 833 -30.10 20.75 -2.89
C ILE B 833 -30.77 20.96 -1.53
N PRO B 834 -31.56 22.05 -1.31
CA PRO B 834 -32.19 22.24 0.01
C PRO B 834 -32.97 21.05 0.53
N GLN B 835 -33.98 20.60 -0.22
CA GLN B 835 -34.83 19.52 0.28
C GLN B 835 -34.02 18.27 0.56
N ILE B 836 -33.09 17.92 -0.32
CA ILE B 836 -32.18 16.80 -0.06
C ILE B 836 -31.51 16.98 1.29
N PHE B 837 -30.90 18.16 1.50
CA PHE B 837 -30.24 18.44 2.78
C PHE B 837 -31.22 18.41 3.94
N ASP B 838 -32.48 18.76 3.69
CA ASP B 838 -33.49 18.64 4.75
C ASP B 838 -33.57 17.21 5.26
N ALA B 839 -33.40 16.24 4.36
CA ALA B 839 -33.59 14.84 4.72
C ALA B 839 -32.34 14.22 5.31
N VAL B 840 -31.17 14.49 4.75
CA VAL B 840 -29.97 13.71 5.03
C VAL B 840 -28.98 14.49 5.90
N PHE B 841 -28.88 15.80 5.73
CA PHE B 841 -27.80 16.56 6.37
C PHE B 841 -27.88 16.57 7.90
N GLU B 842 -28.93 17.19 8.44
CA GLU B 842 -29.07 17.35 9.88
C GLU B 842 -28.92 16.00 10.60
N CYS B 843 -29.73 15.02 10.21
CA CYS B 843 -29.77 13.76 10.94
C CYS B 843 -28.50 12.93 10.76
N THR B 844 -27.75 13.14 9.67
CA THR B 844 -26.48 12.43 9.52
C THR B 844 -25.39 13.02 10.39
N LEU B 845 -25.32 14.35 10.50
CA LEU B 845 -24.31 14.96 11.36
C LEU B 845 -24.36 14.39 12.76
N ASN B 846 -25.56 14.35 13.35
CA ASN B 846 -25.69 13.88 14.72
C ASN B 846 -25.28 12.43 14.89
N MET B 847 -25.14 11.69 13.79
CA MET B 847 -24.59 10.34 13.87
C MET B 847 -23.08 10.37 13.98
N ILE B 848 -22.43 11.42 13.48
CA ILE B 848 -20.98 11.42 13.29
C ILE B 848 -20.33 12.66 13.89
N ASN B 849 -20.95 13.26 14.92
CA ASN B 849 -20.35 14.43 15.55
C ASN B 849 -20.23 14.26 17.05
N LYS B 850 -20.23 13.02 17.53
CA LYS B 850 -20.03 12.72 18.93
C LYS B 850 -18.76 11.92 19.17
N ASP B 851 -18.10 11.46 18.11
CA ASP B 851 -16.72 11.01 18.12
C ASP B 851 -16.23 11.08 16.67
N PHE B 852 -15.03 10.54 16.43
CA PHE B 852 -14.45 10.52 15.10
C PHE B 852 -14.47 9.14 14.46
N GLU B 853 -15.17 8.20 15.06
CA GLU B 853 -14.93 6.80 14.75
C GLU B 853 -16.19 6.01 14.36
N GLU B 854 -17.31 6.24 15.03
CA GLU B 854 -18.50 5.43 14.79
C GLU B 854 -19.18 5.84 13.49
N TYR B 855 -19.84 4.86 12.86
CA TYR B 855 -20.50 4.99 11.56
C TYR B 855 -19.54 5.48 10.48
N PRO B 856 -18.46 4.75 10.18
CA PRO B 856 -17.46 5.30 9.24
C PRO B 856 -17.98 5.45 7.83
N GLU B 857 -18.75 4.46 7.35
CA GLU B 857 -19.28 4.54 6.00
C GLU B 857 -20.09 5.81 5.80
N HIS B 858 -20.87 6.19 6.81
CA HIS B 858 -21.64 7.42 6.74
C HIS B 858 -20.77 8.66 6.69
N ARG B 859 -19.70 8.72 7.49
CA ARG B 859 -18.80 9.86 7.43
C ARG B 859 -18.24 10.02 6.02
N THR B 860 -17.67 8.94 5.48
CA THR B 860 -17.07 9.01 4.14
C THR B 860 -18.08 9.46 3.10
N ASN B 861 -19.22 8.76 3.01
CA ASN B 861 -20.19 9.09 1.98
C ASN B 861 -20.80 10.46 2.20
N PHE B 862 -20.94 10.88 3.47
CA PHE B 862 -21.52 12.19 3.75
C PHE B 862 -20.65 13.31 3.20
N PHE B 863 -19.36 13.29 3.54
CA PHE B 863 -18.49 14.34 3.03
C PHE B 863 -18.23 14.19 1.54
N LEU B 864 -18.41 12.99 0.98
CA LEU B 864 -18.41 12.85 -0.47
C LEU B 864 -19.57 13.62 -1.08
N LEU B 865 -20.77 13.44 -0.52
CA LEU B 865 -21.93 14.18 -1.01
C LEU B 865 -21.75 15.68 -0.84
N LEU B 866 -21.23 16.10 0.31
CA LEU B 866 -21.03 17.51 0.57
C LEU B 866 -19.99 18.09 -0.38
N GLN B 867 -18.93 17.31 -0.68
CA GLN B 867 -17.96 17.75 -1.67
C GLN B 867 -18.58 17.89 -3.05
N ALA B 868 -19.43 16.93 -3.43
CA ALA B 868 -20.10 17.02 -4.73
C ALA B 868 -20.92 18.29 -4.83
N VAL B 869 -21.67 18.60 -3.77
CA VAL B 869 -22.51 19.80 -3.79
C VAL B 869 -21.65 21.05 -3.90
N ASN B 870 -20.62 21.16 -3.08
CA ASN B 870 -19.77 22.34 -3.11
C ASN B 870 -19.06 22.48 -4.44
N SER B 871 -18.71 21.35 -5.06
CA SER B 871 -17.91 21.39 -6.27
C SER B 871 -18.74 21.69 -7.51
N HIS B 872 -20.00 21.27 -7.52
CA HIS B 872 -20.85 21.41 -8.71
C HIS B 872 -22.10 22.27 -8.51
N CYS B 873 -22.52 22.55 -7.29
CA CYS B 873 -23.76 23.29 -7.02
C CYS B 873 -23.54 24.35 -5.94
N PHE B 874 -22.50 25.13 -6.12
CA PHE B 874 -22.14 26.14 -5.12
C PHE B 874 -23.21 27.22 -4.91
N PRO B 875 -23.95 27.66 -5.93
CA PRO B 875 -25.04 28.62 -5.66
C PRO B 875 -26.03 28.18 -4.59
N ALA B 876 -26.19 26.87 -4.40
CA ALA B 876 -27.06 26.37 -3.33
C ALA B 876 -26.53 26.77 -1.95
N PHE B 877 -25.21 26.69 -1.74
CA PHE B 877 -24.63 27.21 -0.52
C PHE B 877 -24.86 28.70 -0.37
N LEU B 878 -24.81 29.44 -1.48
CA LEU B 878 -25.12 30.86 -1.39
C LEU B 878 -26.60 31.12 -1.15
N ALA B 879 -27.46 30.13 -1.39
CA ALA B 879 -28.90 30.33 -1.32
C ALA B 879 -29.52 29.83 -0.02
N ILE B 880 -28.72 29.49 0.99
CA ILE B 880 -29.26 28.99 2.25
C ILE B 880 -29.02 30.01 3.36
N PRO B 881 -29.76 29.94 4.46
CA PRO B 881 -29.59 30.94 5.52
C PRO B 881 -28.17 30.92 6.05
N PRO B 882 -27.70 32.05 6.58
CA PRO B 882 -26.31 32.09 7.08
C PRO B 882 -26.02 31.15 8.23
N THR B 883 -26.99 30.93 9.13
CA THR B 883 -26.79 29.95 10.20
C THR B 883 -26.53 28.56 9.63
N GLN B 884 -27.29 28.17 8.60
CA GLN B 884 -27.09 26.88 7.97
C GLN B 884 -25.75 26.80 7.24
N PHE B 885 -25.31 27.92 6.65
CA PHE B 885 -23.99 27.94 6.02
C PHE B 885 -22.89 27.82 7.07
N LYS B 886 -23.08 28.44 8.24
CA LYS B 886 -22.19 28.20 9.36
C LYS B 886 -22.13 26.71 9.70
N LEU B 887 -23.28 26.05 9.69
CA LEU B 887 -23.30 24.62 10.00
C LEU B 887 -22.52 23.83 8.95
N VAL B 888 -22.66 24.19 7.68
CA VAL B 888 -21.94 23.50 6.62
C VAL B 888 -20.44 23.69 6.77
N LEU B 889 -20.01 24.94 7.00
CA LEU B 889 -18.60 25.23 7.21
C LEU B 889 -18.07 24.46 8.42
N ASP B 890 -18.86 24.39 9.48
CA ASP B 890 -18.44 23.62 10.65
C ASP B 890 -18.26 22.15 10.32
N SER B 891 -19.14 21.61 9.47
CA SER B 891 -18.99 20.21 9.08
C SER B 891 -17.71 19.99 8.28
N ILE B 892 -17.37 20.94 7.41
CA ILE B 892 -16.12 20.82 6.65
C ILE B 892 -14.94 20.79 7.60
N ILE B 893 -14.89 21.73 8.54
CA ILE B 893 -13.80 21.74 9.52
C ILE B 893 -13.77 20.43 10.30
N TRP B 894 -14.94 19.96 10.73
CA TRP B 894 -15.04 18.67 11.40
C TRP B 894 -14.45 17.56 10.55
N ALA B 895 -14.62 17.65 9.22
CA ALA B 895 -14.03 16.65 8.33
C ALA B 895 -12.51 16.64 8.45
N PHE B 896 -11.86 17.79 8.22
CA PHE B 896 -10.41 17.67 8.18
C PHE B 896 -9.77 17.50 9.53
N LYS B 897 -10.54 17.46 10.61
CA LYS B 897 -9.99 17.09 11.91
C LYS B 897 -9.95 15.58 12.11
N HIS B 898 -10.42 14.81 11.14
CA HIS B 898 -10.47 13.35 11.28
C HIS B 898 -9.08 12.75 11.26
N THR B 899 -8.94 11.60 11.92
CA THR B 899 -7.77 10.76 11.72
C THR B 899 -7.98 9.73 10.61
N MET B 900 -9.22 9.46 10.22
CA MET B 900 -9.54 8.73 9.00
C MET B 900 -8.99 9.56 7.84
N ARG B 901 -7.92 9.09 7.19
CA ARG B 901 -7.23 9.96 6.23
C ARG B 901 -8.13 10.42 5.10
N ASN B 902 -8.95 9.53 4.53
CA ASN B 902 -9.74 9.95 3.38
C ASN B 902 -10.74 11.03 3.76
N VAL B 903 -11.31 10.94 4.96
CA VAL B 903 -12.29 11.94 5.40
C VAL B 903 -11.63 13.30 5.49
N ALA B 904 -10.53 13.39 6.26
CA ALA B 904 -9.82 14.66 6.41
C ALA B 904 -9.33 15.19 5.07
N ASP B 905 -8.91 14.29 4.17
CA ASP B 905 -8.40 14.72 2.88
C ASP B 905 -9.51 15.36 2.05
N THR B 906 -10.67 14.71 1.93
CA THR B 906 -11.77 15.32 1.20
C THR B 906 -12.24 16.60 1.87
N GLY B 907 -12.14 16.67 3.20
CA GLY B 907 -12.51 17.89 3.89
C GLY B 907 -11.61 19.06 3.51
N LEU B 908 -10.30 18.83 3.45
CA LEU B 908 -9.40 19.88 3.01
C LEU B 908 -9.67 20.28 1.56
N GLN B 909 -9.94 19.30 0.70
CA GLN B 909 -10.26 19.61 -0.69
C GLN B 909 -11.52 20.46 -0.77
N ILE B 910 -12.54 20.12 0.00
CA ILE B 910 -13.76 20.92 0.04
C ILE B 910 -13.45 22.35 0.45
N LEU B 911 -12.67 22.51 1.52
CA LEU B 911 -12.36 23.86 2.00
C LEU B 911 -11.60 24.67 0.96
N PHE B 912 -10.69 24.02 0.23
CA PHE B 912 -9.90 24.74 -0.75
C PHE B 912 -10.77 25.19 -1.93
N THR B 913 -11.51 24.27 -2.54
CA THR B 913 -12.41 24.65 -3.62
C THR B 913 -13.49 25.61 -3.14
N LEU B 914 -13.84 25.57 -1.85
CA LEU B 914 -14.82 26.51 -1.32
C LEU B 914 -14.24 27.91 -1.21
N LEU B 915 -13.00 28.03 -0.75
CA LEU B 915 -12.35 29.34 -0.73
C LEU B 915 -12.31 29.95 -2.12
N GLN B 916 -11.99 29.12 -3.13
CA GLN B 916 -11.94 29.62 -4.49
C GLN B 916 -13.34 30.00 -4.98
N ASN B 917 -14.35 29.16 -4.70
CA ASN B 917 -15.71 29.47 -5.10
C ASN B 917 -16.19 30.78 -4.47
N VAL B 918 -15.81 31.03 -3.23
CA VAL B 918 -16.16 32.30 -2.59
C VAL B 918 -15.46 33.46 -3.27
N ALA B 919 -14.17 33.28 -3.59
CA ALA B 919 -13.43 34.30 -4.31
C ALA B 919 -14.03 34.57 -5.69
N GLN B 920 -14.90 33.69 -6.19
CA GLN B 920 -15.45 33.88 -7.52
C GLN B 920 -16.40 35.06 -7.59
N GLU B 921 -17.15 35.34 -6.53
CA GLU B 921 -18.12 36.43 -6.53
C GLU B 921 -17.74 37.48 -5.49
N GLU B 922 -17.57 38.72 -5.94
CA GLU B 922 -17.03 39.77 -5.08
C GLU B 922 -17.99 40.16 -3.97
N ALA B 923 -19.30 39.98 -4.18
CA ALA B 923 -20.28 40.54 -3.25
C ALA B 923 -20.22 39.85 -1.89
N ALA B 924 -20.34 38.52 -1.87
CA ALA B 924 -20.30 37.78 -0.62
C ALA B 924 -18.89 37.41 -0.17
N ALA B 925 -17.89 37.64 -1.02
CA ALA B 925 -16.53 37.24 -0.66
C ALA B 925 -16.01 38.03 0.54
N GLN B 926 -16.24 39.35 0.55
CA GLN B 926 -15.73 40.16 1.64
C GLN B 926 -16.46 39.86 2.95
N SER B 927 -17.77 39.65 2.88
CA SER B 927 -18.52 39.26 4.08
C SER B 927 -18.06 37.91 4.61
N PHE B 928 -17.82 36.96 3.71
CA PHE B 928 -17.32 35.65 4.13
C PHE B 928 -15.96 35.78 4.81
N TYR B 929 -15.07 36.60 4.25
CA TYR B 929 -13.77 36.83 4.87
C TYR B 929 -13.93 37.44 6.26
N GLN B 930 -14.63 38.57 6.33
CA GLN B 930 -14.89 39.24 7.61
C GLN B 930 -15.43 38.28 8.67
N THR B 931 -16.27 37.32 8.26
CA THR B 931 -16.91 36.42 9.20
C THR B 931 -16.06 35.20 9.57
N TYR B 932 -15.33 34.62 8.61
CA TYR B 932 -14.77 33.29 8.83
C TYR B 932 -13.26 33.16 8.62
N PHE B 933 -12.57 34.21 8.17
CA PHE B 933 -11.17 34.03 7.76
C PHE B 933 -10.31 33.60 8.94
N CYS B 934 -10.37 34.33 10.05
CA CYS B 934 -9.52 34.00 11.18
C CYS B 934 -9.92 32.67 11.81
N ASP B 935 -11.22 32.38 11.84
CA ASP B 935 -11.71 31.11 12.37
C ASP B 935 -11.11 29.94 11.60
N ILE B 936 -11.23 29.98 10.27
CA ILE B 936 -10.65 28.93 9.43
C ILE B 936 -9.15 28.82 9.68
N LEU B 937 -8.46 29.96 9.76
CA LEU B 937 -7.02 29.95 9.99
C LEU B 937 -6.67 29.20 11.27
N GLN B 938 -7.37 29.51 12.36
CA GLN B 938 -6.99 28.91 13.63
C GLN B 938 -7.30 27.42 13.65
N HIS B 939 -8.39 27.00 13.01
CA HIS B 939 -8.69 25.57 12.94
C HIS B 939 -7.61 24.83 12.15
N ILE B 940 -7.23 25.39 10.99
CA ILE B 940 -6.22 24.74 10.17
C ILE B 940 -4.88 24.67 10.89
N PHE B 941 -4.54 25.73 11.64
CA PHE B 941 -3.32 25.71 12.42
C PHE B 941 -3.38 24.64 13.51
N SER B 942 -4.56 24.47 14.12
CA SER B 942 -4.70 23.39 15.10
C SER B 942 -4.37 22.05 14.49
N VAL B 943 -4.72 21.85 13.22
CA VAL B 943 -4.42 20.59 12.56
C VAL B 943 -2.96 20.52 12.12
N VAL B 944 -2.43 21.61 11.57
CA VAL B 944 -1.08 21.58 11.00
C VAL B 944 -0.05 21.23 12.07
N THR B 945 -0.18 21.80 13.25
CA THR B 945 0.72 21.52 14.36
C THR B 945 0.44 20.18 15.04
N ASP B 946 -0.53 19.41 14.54
CA ASP B 946 -0.85 18.11 15.13
C ASP B 946 -0.01 17.04 14.47
N THR B 947 0.62 16.20 15.30
CA THR B 947 1.47 15.12 14.78
C THR B 947 0.67 14.05 14.06
N SER B 948 -0.64 14.02 14.22
CA SER B 948 -1.49 12.99 13.66
C SER B 948 -2.03 13.32 12.28
N HIS B 949 -1.70 14.49 11.73
CA HIS B 949 -2.25 14.92 10.45
C HIS B 949 -1.18 15.24 9.42
N THR B 950 0.07 14.85 9.65
CA THR B 950 1.15 15.21 8.74
C THR B 950 0.87 14.73 7.32
N ALA B 951 0.05 13.69 7.19
CA ALA B 951 -0.26 13.13 5.87
C ALA B 951 -0.89 14.18 4.94
N GLY B 952 -1.61 15.14 5.50
CA GLY B 952 -2.23 16.21 4.75
C GLY B 952 -1.39 17.43 4.48
N LEU B 953 -0.09 17.37 4.73
CA LEU B 953 0.74 18.56 4.68
C LEU B 953 0.57 19.29 3.35
N THR B 954 0.72 18.58 2.24
CA THR B 954 0.62 19.21 0.91
C THR B 954 -0.65 20.04 0.78
N MET B 955 -1.79 19.53 1.28
CA MET B 955 -3.02 20.32 1.22
C MET B 955 -2.93 21.52 2.14
N HIS B 956 -2.56 21.29 3.41
CA HIS B 956 -2.44 22.37 4.39
C HIS B 956 -1.72 23.57 3.81
N ALA B 957 -0.47 23.35 3.39
CA ALA B 957 0.32 24.36 2.69
C ALA B 957 -0.52 25.07 1.63
N SER B 958 -1.01 24.30 0.65
CA SER B 958 -1.75 24.86 -0.47
C SER B 958 -2.84 25.82 0.01
N ILE B 959 -3.53 25.46 1.10
CA ILE B 959 -4.56 26.32 1.64
C ILE B 959 -3.94 27.56 2.27
N LEU B 960 -3.09 27.35 3.29
CA LEU B 960 -2.51 28.47 4.04
C LEU B 960 -1.88 29.49 3.09
N ALA B 961 -0.95 29.02 2.24
CA ALA B 961 -0.38 29.82 1.17
C ALA B 961 -1.46 30.68 0.51
N TYR B 962 -2.43 30.02 -0.13
CA TYR B 962 -3.54 30.72 -0.77
C TYR B 962 -4.09 31.80 0.16
N MET B 963 -4.52 31.39 1.35
CA MET B 963 -5.15 32.33 2.29
C MET B 963 -4.21 33.50 2.58
N PHE B 964 -2.94 33.21 2.89
CA PHE B 964 -2.03 34.30 3.21
C PHE B 964 -1.78 35.17 2.00
N ASN B 965 -1.68 34.56 0.81
CA ASN B 965 -1.58 35.38 -0.41
C ASN B 965 -2.77 36.30 -0.52
N LEU B 966 -3.97 35.80 -0.19
CA LEU B 966 -5.17 36.63 -0.24
C LEU B 966 -5.02 37.90 0.60
N VAL B 967 -4.26 37.83 1.70
CA VAL B 967 -4.18 39.00 2.56
C VAL B 967 -3.16 40.01 2.07
N GLU B 968 -2.24 39.60 1.21
CA GLU B 968 -1.24 40.52 0.70
C GLU B 968 -1.92 41.63 -0.11
N GLU B 969 -2.92 41.23 -0.92
CA GLU B 969 -3.76 42.08 -1.77
C GLU B 969 -4.99 41.24 -2.10
N GLY B 970 -6.02 41.89 -2.61
CA GLY B 970 -7.24 41.20 -3.00
C GLY B 970 -8.27 41.06 -1.92
N LYS B 971 -7.95 41.49 -0.70
CA LYS B 971 -8.87 41.50 0.43
C LYS B 971 -8.97 42.99 0.67
N ILE B 972 -10.20 43.52 0.71
CA ILE B 972 -10.39 44.95 0.83
C ILE B 972 -10.86 45.37 2.22
N SER B 973 -11.83 44.66 2.80
CA SER B 973 -12.33 45.07 4.10
C SER B 973 -11.39 44.57 5.20
N THR B 974 -11.62 45.08 6.42
CA THR B 974 -10.77 44.77 7.57
C THR B 974 -11.41 43.74 8.47
N SER B 975 -10.60 42.74 8.88
CA SER B 975 -11.10 41.68 9.76
C SER B 975 -11.54 42.23 11.11
N LEU B 976 -10.82 43.18 11.67
CA LEU B 976 -11.23 43.71 12.96
C LEU B 976 -11.83 45.10 12.82
N ASN B 977 -13.08 45.24 13.27
CA ASN B 977 -13.75 46.53 13.23
C ASN B 977 -13.00 47.50 14.15
N PRO B 978 -12.58 47.08 15.36
CA PRO B 978 -11.86 48.01 16.25
C PRO B 978 -10.54 48.46 15.66
N GLY B 979 -9.75 47.53 15.12
CA GLY B 979 -8.49 47.95 14.56
C GLY B 979 -8.52 48.01 13.04
N ASN B 980 -8.73 49.22 12.54
CA ASN B 980 -8.78 49.48 11.11
C ASN B 980 -7.43 50.08 10.66
N PRO B 981 -6.62 50.68 11.57
CA PRO B 981 -5.34 51.25 11.11
C PRO B 981 -4.46 50.17 10.54
N VAL B 982 -4.35 49.11 11.33
CA VAL B 982 -3.52 47.97 11.00
C VAL B 982 -4.08 47.35 9.73
N ASN B 983 -3.18 47.03 8.81
CA ASN B 983 -3.57 46.34 7.61
C ASN B 983 -3.72 44.88 7.96
N ASN B 984 -4.36 44.14 7.08
CA ASN B 984 -4.59 42.74 7.34
C ASN B 984 -3.29 41.99 7.56
N GLN B 985 -2.22 42.35 6.84
CA GLN B 985 -0.93 41.72 7.10
C GLN B 985 -0.49 41.97 8.54
N ILE B 986 -0.61 43.22 9.00
CA ILE B 986 -0.20 43.55 10.36
C ILE B 986 -1.07 42.83 11.39
N PHE B 987 -2.39 42.83 11.18
CA PHE B 987 -3.30 42.11 12.05
C PHE B 987 -3.09 40.61 11.96
N LEU B 988 -2.96 40.08 10.74
CA LEU B 988 -2.71 38.66 10.56
C LEU B 988 -1.39 38.25 11.19
N GLN B 989 -0.32 39.00 10.93
CA GLN B 989 0.98 38.68 11.51
C GLN B 989 0.89 38.56 13.02
N GLU B 990 0.40 39.61 13.69
CA GLU B 990 0.38 39.59 15.15
C GLU B 990 -0.65 38.61 15.70
N TYR B 991 -1.77 38.43 14.99
CA TYR B 991 -2.78 37.49 15.45
C TYR B 991 -2.28 36.06 15.41
N VAL B 992 -1.67 35.67 14.29
CA VAL B 992 -1.15 34.30 14.16
C VAL B 992 0.02 34.09 15.09
N ALA B 993 0.89 35.10 15.25
CA ALA B 993 2.00 34.95 16.17
C ALA B 993 1.49 34.79 17.60
N ASN B 994 0.50 35.59 17.99
CA ASN B 994 -0.13 35.43 19.30
C ASN B 994 -0.76 34.04 19.44
N LEU B 995 -1.42 33.58 18.37
CA LEU B 995 -2.07 32.27 18.38
C LEU B 995 -1.08 31.15 18.64
N LEU B 996 0.07 31.18 17.96
CA LEU B 996 1.09 30.16 18.16
C LEU B 996 1.78 30.31 19.52
N LYS B 997 2.13 31.54 19.91
CA LYS B 997 2.75 31.74 21.21
C LYS B 997 1.88 31.22 22.34
N SER B 998 0.56 31.39 22.24
CA SER B 998 -0.32 30.87 23.28
C SER B 998 -0.58 29.39 23.10
N ALA B 999 -0.43 28.88 21.88
CA ALA B 999 -0.61 27.45 21.66
C ALA B 999 0.60 26.67 22.14
N PHE B 1000 1.80 27.19 21.89
CA PHE B 1000 3.06 26.55 22.29
C PHE B 1000 3.84 27.54 23.14
N PRO B 1001 3.60 27.57 24.44
CA PRO B 1001 4.19 28.62 25.29
C PRO B 1001 5.71 28.57 25.36
N HIS B 1002 6.32 27.44 25.06
CA HIS B 1002 7.76 27.28 25.19
C HIS B 1002 8.54 27.78 23.99
N LEU B 1003 7.87 28.45 23.05
CA LEU B 1003 8.56 29.01 21.90
C LEU B 1003 9.18 30.36 22.24
N GLN B 1004 10.17 30.74 21.45
CA GLN B 1004 10.77 32.06 21.56
C GLN B 1004 10.01 33.04 20.69
N ASP B 1005 10.00 34.31 21.13
CA ASP B 1005 9.40 35.36 20.30
C ASP B 1005 10.06 35.40 18.92
N ALA B 1006 11.39 35.33 18.87
CA ALA B 1006 12.07 35.39 17.57
C ALA B 1006 11.67 34.23 16.67
N GLN B 1007 11.60 33.02 17.23
CA GLN B 1007 11.12 31.87 16.48
C GLN B 1007 9.77 32.15 15.82
N VAL B 1008 8.82 32.64 16.62
CA VAL B 1008 7.46 32.83 16.12
C VAL B 1008 7.41 33.95 15.08
N LYS B 1009 8.13 35.04 15.31
CA LYS B 1009 8.15 36.12 14.32
C LYS B 1009 8.73 35.62 13.00
N LEU B 1010 9.80 34.84 13.07
CA LEU B 1010 10.42 34.32 11.85
C LEU B 1010 9.45 33.39 11.11
N PHE B 1011 8.76 32.52 11.83
CA PHE B 1011 7.82 31.60 11.19
C PHE B 1011 6.65 32.36 10.58
N VAL B 1012 6.13 33.36 11.28
CA VAL B 1012 4.97 34.09 10.79
C VAL B 1012 5.33 34.91 9.55
N THR B 1013 6.52 35.51 9.53
CA THR B 1013 6.92 36.24 8.33
C THR B 1013 7.25 35.30 7.19
N GLY B 1014 7.75 34.10 7.50
CA GLY B 1014 7.95 33.11 6.47
C GLY B 1014 6.66 32.64 5.85
N LEU B 1015 5.56 32.69 6.61
CA LEU B 1015 4.25 32.37 6.04
C LEU B 1015 3.91 33.30 4.89
N PHE B 1016 4.25 34.59 5.02
CA PHE B 1016 3.99 35.52 3.92
C PHE B 1016 5.05 35.42 2.83
N SER B 1017 6.31 35.17 3.20
CA SER B 1017 7.39 35.24 2.24
C SER B 1017 7.34 34.09 1.23
N LEU B 1018 6.79 32.94 1.62
CA LEU B 1018 6.88 31.73 0.80
C LEU B 1018 5.53 31.35 0.18
N ASN B 1019 4.59 32.28 0.11
CA ASN B 1019 3.21 31.92 -0.25
C ASN B 1019 3.02 31.67 -1.73
N GLN B 1020 4.08 31.55 -2.53
CA GLN B 1020 3.97 31.17 -3.93
C GLN B 1020 4.97 30.10 -4.33
N ASP B 1021 5.63 29.47 -3.37
CA ASP B 1021 6.48 28.30 -3.60
C ASP B 1021 5.95 27.22 -2.65
N ILE B 1022 5.03 26.39 -3.14
CA ILE B 1022 4.29 25.50 -2.23
C ILE B 1022 5.18 24.48 -1.54
N PRO B 1023 6.13 23.81 -2.21
CA PRO B 1023 7.02 22.91 -1.46
C PRO B 1023 7.96 23.63 -0.51
N ALA B 1024 8.43 24.84 -0.84
CA ALA B 1024 9.22 25.60 0.12
C ALA B 1024 8.39 25.99 1.34
N PHE B 1025 7.16 26.44 1.11
CA PHE B 1025 6.19 26.64 2.18
C PHE B 1025 6.01 25.38 3.02
N LYS B 1026 5.93 24.23 2.35
CA LYS B 1026 5.77 22.96 3.04
C LYS B 1026 6.96 22.66 3.95
N GLU B 1027 8.17 22.92 3.46
CA GLU B 1027 9.36 22.69 4.29
C GLU B 1027 9.45 23.70 5.42
N HIS B 1028 8.96 24.93 5.21
CA HIS B 1028 8.84 25.89 6.30
C HIS B 1028 7.92 25.35 7.39
N LEU B 1029 6.76 24.82 7.01
CA LEU B 1029 5.87 24.22 7.99
C LEU B 1029 6.53 23.04 8.71
N ARG B 1030 7.29 22.23 7.98
CA ARG B 1030 7.93 21.07 8.60
C ARG B 1030 9.02 21.50 9.57
N ASP B 1031 9.78 22.55 9.22
CA ASP B 1031 10.76 23.12 10.14
C ASP B 1031 10.09 23.58 11.43
N PHE B 1032 8.98 24.31 11.30
CA PHE B 1032 8.25 24.78 12.47
C PHE B 1032 7.69 23.60 13.27
N LEU B 1033 7.27 22.55 12.57
CA LEU B 1033 6.72 21.38 13.25
C LEU B 1033 7.81 20.63 14.02
N VAL B 1034 9.07 20.73 13.56
CA VAL B 1034 10.19 20.22 14.35
C VAL B 1034 10.48 21.15 15.52
N GLN B 1035 10.39 22.46 15.29
CA GLN B 1035 10.74 23.41 16.34
C GLN B 1035 9.76 23.32 17.50
N ILE B 1036 8.50 23.01 17.22
CA ILE B 1036 7.49 23.05 18.27
C ILE B 1036 7.60 21.83 19.16
N LYS B 1037 8.57 20.96 18.89
CA LYS B 1037 8.73 19.73 19.61
C LYS B 1037 9.88 19.78 20.61
N GLU B 1038 10.72 20.81 20.54
CA GLU B 1038 11.89 20.90 21.40
C GLU B 1038 12.05 22.31 21.95
N PHE B 1039 12.49 22.41 23.21
CA PHE B 1039 12.75 23.71 23.80
C PHE B 1039 13.99 24.28 23.13
N ALA B 1040 14.07 25.60 23.09
CA ALA B 1040 15.22 26.36 22.58
C ALA B 1040 15.54 27.49 23.57
N GLY B 1041 16.81 27.79 23.78
CA GLY B 1041 17.16 28.85 24.74
C GLY B 1041 17.96 29.95 24.05
N GLU B 1042 17.54 31.20 24.24
CA GLU B 1042 18.24 32.34 23.60
C GLU B 1042 18.30 32.11 22.09
N ASP B 1043 19.48 32.24 21.48
CA ASP B 1043 19.54 32.07 20.01
C ASP B 1043 19.60 30.61 19.56
N THR B 1044 19.37 30.42 18.26
CA THR B 1044 19.39 29.11 17.55
C THR B 1044 20.73 28.44 17.87
N SER B 1045 21.74 29.28 18.08
CA SER B 1045 23.10 28.84 18.39
C SER B 1045 23.59 27.82 17.36
PG GTP C . -3.10 2.20 14.68
O1G GTP C . -3.59 3.50 15.27
O2G GTP C . -1.76 2.33 14.01
O3G GTP C . -3.15 1.06 15.65
O3B GTP C . -4.13 1.84 13.53
PB GTP C . -4.23 0.38 12.89
O1B GTP C . -4.43 -0.60 14.01
O2B GTP C . -3.10 0.19 11.94
O3A GTP C . -5.59 0.49 12.07
PA GTP C . -7.03 -0.19 12.24
O1A GTP C . -7.56 0.12 13.60
O2A GTP C . -6.93 -1.63 11.84
O5' GTP C . -7.88 0.61 11.14
C5' GTP C . -7.74 0.25 9.75
C4' GTP C . -8.66 1.11 8.91
O4' GTP C . -8.47 0.78 7.51
C3' GTP C . -10.16 0.92 9.15
O3' GTP C . -10.89 2.09 8.78
C2' GTP C . -10.47 -0.26 8.24
O2' GTP C . -11.83 -0.30 7.84
C1' GTP C . -9.55 -0.02 7.05
N9 GTP C . -8.98 -1.24 6.49
C8 GTP C . -8.22 -2.18 7.15
N7 GTP C . -7.85 -3.17 6.38
C5 GTP C . -8.40 -2.87 5.14
C6 GTP C . -8.33 -3.60 3.93
O6 GTP C . -7.75 -4.67 3.70
N1 GTP C . -9.02 -2.96 2.90
C2 GTP C . -9.69 -1.77 3.04
N2 GTP C . -10.29 -1.32 1.94
N3 GTP C . -9.76 -1.08 4.18
C4 GTP C . -9.10 -1.69 5.19
MG MG D . -4.44 -0.52 16.02
O6 LMB E . -10.21 -21.32 -41.52
C24 LMB E . -9.25 -22.04 -41.27
O5 LMB E . -8.19 -22.03 -41.92
C23 LMB E . -9.35 -22.94 -40.16
C22 LMB E . -10.12 -22.76 -39.10
C33 LMB E . -11.45 -22.07 -39.11
C21 LMB E . -9.68 -23.27 -37.75
C20 LMB E . -10.65 -24.26 -37.07
C32 LMB E . -10.26 -24.48 -35.62
C19 LMB E . -10.74 -25.58 -37.85
O4 LMB E . -9.65 -26.41 -37.50
C18 LMB E . -12.05 -26.36 -37.68
C31 LMB E . -12.00 -27.73 -38.32
C17 LMB E . -13.23 -25.58 -38.25
O3 LMB E . -13.13 -25.02 -39.32
C16 LMB E . -14.52 -25.56 -37.44
C30 LMB E . -15.56 -24.68 -38.10
C15 LMB E . -14.26 -25.08 -36.04
C14 LMB E . -14.53 -25.87 -34.94
C29 LMB E . -14.95 -27.27 -35.04
C13 LMB E . -14.41 -25.33 -33.59
C12 LMB E . -14.59 -26.03 -32.47
C11 LMB E . -14.56 -25.49 -31.07
C10 LMB E . -13.44 -26.06 -30.20
C28 LMB E . -12.07 -25.71 -30.81
C9 LMB E . -13.55 -25.55 -28.79
C8 LMB E . -13.67 -26.25 -27.63
C26 LMB E . -13.94 -25.60 -26.29
C27 LMB E . -14.08 -24.11 -26.36
C7 LMB E . -13.57 -27.72 -27.63
C6 LMB E . -13.55 -28.45 -26.53
C5 LMB E . -13.58 -29.96 -26.50
O2 LMB E . -14.84 -30.40 -25.98
C4 LMB E . -12.44 -30.57 -25.69
C25 LMB E . -12.23 -29.84 -24.38
C3 LMB E . -12.68 -32.08 -25.45
C2 LMB E . -12.72 -32.91 -26.71
C1 LMB E . -13.10 -34.37 -26.48
O1' LMB E . -13.12 -35.14 -27.46
O1 LMB E . -13.35 -34.73 -25.32
#